data_3GB8
#
_entry.id   3GB8
#
_cell.length_a   250.400
_cell.length_b   250.400
_cell.length_c   190.400
_cell.angle_alpha   90.000
_cell.angle_beta   90.000
_cell.angle_gamma   120.000
#
_symmetry.space_group_name_H-M   'P 64 2 2'
#
loop_
_entity.id
_entity.type
_entity.pdbx_description
1 polymer Exportin-1
2 polymer Snurportin-1
#
loop_
_entity_poly.entity_id
_entity_poly.type
_entity_poly.pdbx_seq_one_letter_code
_entity_poly.pdbx_strand_id
1 'polypeptide(L)'
;MPAIMTMLADHAARQLLDFSQKLDINLLDNVVNCLYHGEGAQQRMAQEVLTHLKEHPDAWTRVDTILEFSQNMNTKYYGL
QILENVIKTRWKILPRNQCEGIKKYVVGLIIKTSSDPTCVEKEKVYIGKLNMILVQILKQEWPKHWPTFISDIVGASRTS
ESLCQNNMVILKLLSEEVFDFSSGQITQVKSKHLKDSMCNEFSQIFQLCQFVMENSQNAPLVHATLETLLRFLNWIPLGY
IFETKLISTLIYKFLNVPMFRNVSLKCLTEIAGVSVSQYEEQFVTLFTLTMMQLKQMLPLNTNIRLAYSNGKDDEQNFIQ
NLSLFLCTFLKEHDQLIEKRLNLRETLMEALHYMLLVSEVEETEIFKICLEYWNHLAAELYRESPFSTSASPLLSGSQHF
DVPPRRQLYLPMLFKVRLLMVSRMAKPEEVLVVENDQGEVVREFMKDTDSINLYKNMRETLVYLTHLDYVDTERIMTEKL
HNQVNGTEWSWKNLNTLCWAIGSISGAMHEEDEKRFLVTVIKDLLGLCEQKRGKDNKAIIASNIMYIVGQYPRFLRAHWK
FLKTVVNKLFEFMHETHDGVQDMACDTFIKIAQKCRRHFVQVQVGEVMPFIDEILNNINTIICDLQPQQVHTFYEAVGYM
IGAQTDQTVQEHLIEKYMLLPNQVWDSIIQQATKNVDILKDPETVKQLGSILKTNVRACKAVGHPFVIQLGRIYLDMLNV
YKCLSENISAAIQANGEMVTKQPLIRSMRTVKRETLKLISGWVSRSNDPQMVAENFVPPLLDAVLIDYQRNVPAAREPEV
LSTMAIIVNKLGGHITAEIPQIFDAVFECTLNMINKDFEEYPEHRTNFFLLLQAVNSHCFPAFLAIPPTQFKLVLDSIIW
AFKHTMRNVADTGLQILFTLLQNVAQEEAAAQSFYQTYFCDILQHIFSVVTDTSHTAGLTMHASILAYMFNLVEEGKIST
SLNPGNPVNNQIFLQEYVANLLKSAFPHLQDAQVKLFVTGLFSLNQDIPAFKEHLRDFLVQIKEFAGEDTSDLFLEEREI
ALRQADEEKHKRQMSVPGIFNPHEIPEEMCD
;
A
2 'polypeptide(L)'
;SMEELSQALASSFSVSQDLNSTAAPHPRLSQYKSKYSSLEQSERRRRLLELQKSKRLDYVNHARRLAEDDWTGMESEEEN
KKDDEEMDIDTVKKLPKHYANQLMLSEWLIDVPSDLGQEWIVVVCPVGKRALIVASRGSTSAYTKSGYCVNRFSSLLPGG
NRRNSTAKDYTILDCIYNEVNQTYYVLDVMCWRGHPFYDCQTDFRFYWMHSKLPEEEGLGEKTKLNPFKFVGLKNFPCTP
ESLCDVLSMDFPFEVDGLLFYHKQTHYSPGSTPLVGWLRPYMVSDVLGVAVPAGPLTTKPDYAGHQLQQIMEHKKSQKEG
MKEKLTHKA
;
B
#
# COMPACT_ATOMS: atom_id res chain seq x y z
N LEU A 53 3.93 -44.36 14.55
CA LEU A 53 4.06 -45.83 14.34
C LEU A 53 2.94 -46.63 15.04
N LYS A 54 3.00 -46.66 16.38
CA LYS A 54 2.12 -47.51 17.20
C LYS A 54 0.62 -47.14 17.15
N GLU A 55 0.33 -45.83 17.12
CA GLU A 55 -1.05 -45.34 17.17
C GLU A 55 -1.81 -45.51 15.84
N HIS A 56 -1.98 -46.76 15.42
CA HIS A 56 -2.65 -47.06 14.14
C HIS A 56 -3.85 -48.03 14.21
N PRO A 57 -3.72 -49.16 14.95
CA PRO A 57 -4.77 -50.20 14.95
C PRO A 57 -6.15 -49.73 15.42
N ARG A 62 -9.22 -47.74 20.54
CA ARG A 62 -10.36 -47.80 21.46
C ARG A 62 -10.11 -48.76 22.63
N VAL A 63 -10.08 -50.06 22.35
CA VAL A 63 -10.03 -51.14 23.36
C VAL A 63 -8.76 -51.10 24.26
N ASP A 64 -7.71 -50.46 23.75
CA ASP A 64 -6.37 -50.48 24.34
C ASP A 64 -6.18 -49.59 25.56
N THR A 65 -6.64 -48.33 25.48
CA THR A 65 -6.38 -47.32 26.51
C THR A 65 -7.15 -47.55 27.81
N ILE A 66 -8.40 -48.01 27.70
CA ILE A 66 -9.20 -48.45 28.87
C ILE A 66 -8.37 -49.40 29.76
N LEU A 67 -7.59 -50.26 29.11
CA LEU A 67 -6.67 -51.19 29.77
C LEU A 67 -5.28 -50.54 30.01
N GLU A 68 -4.80 -49.78 29.03
CA GLU A 68 -3.44 -49.21 29.03
C GLU A 68 -3.19 -48.16 30.10
N PHE A 69 -4.18 -47.30 30.34
CA PHE A 69 -4.03 -46.19 31.28
C PHE A 69 -4.14 -46.61 32.75
N SER A 70 -4.45 -47.89 33.00
CA SER A 70 -4.67 -48.41 34.34
C SER A 70 -3.38 -48.69 35.13
N GLN A 71 -2.34 -49.13 34.43
CA GLN A 71 -1.05 -49.42 35.05
C GLN A 71 0.10 -48.67 34.38
N ASN A 72 -0.23 -47.54 33.74
CA ASN A 72 0.70 -46.79 32.90
C ASN A 72 1.77 -45.95 33.64
N MET A 73 2.71 -45.39 32.87
CA MET A 73 3.71 -44.43 33.38
C MET A 73 3.52 -43.04 32.75
N ASN A 74 4.62 -42.38 32.38
CA ASN A 74 4.57 -41.05 31.76
C ASN A 74 4.04 -41.05 30.32
N THR A 75 4.18 -42.19 29.64
CA THR A 75 3.76 -42.37 28.24
C THR A 75 2.25 -42.22 28.01
N LYS A 76 1.53 -41.81 29.06
CA LYS A 76 0.06 -41.67 29.05
C LYS A 76 -0.47 -40.61 28.07
N TYR A 77 0.38 -39.65 27.70
CA TYR A 77 0.02 -38.58 26.76
C TYR A 77 -0.23 -39.09 25.35
N TYR A 78 0.30 -40.28 25.06
CA TYR A 78 0.05 -41.01 23.82
C TYR A 78 -1.31 -41.68 23.86
N GLY A 79 -1.61 -42.33 24.99
CA GLY A 79 -2.92 -43.00 25.20
C GLY A 79 -4.10 -42.04 25.10
N LEU A 80 -3.92 -40.84 25.66
CA LEU A 80 -4.89 -39.75 25.55
C LEU A 80 -5.01 -39.26 24.10
N GLN A 81 -3.86 -39.12 23.43
CA GLN A 81 -3.83 -38.74 22.01
C GLN A 81 -4.47 -39.82 21.12
N ILE A 82 -4.39 -41.07 21.55
CA ILE A 82 -5.00 -42.20 20.81
C ILE A 82 -6.52 -42.22 20.99
N LEU A 83 -6.98 -41.90 22.19
CA LEU A 83 -8.42 -41.87 22.51
C LEU A 83 -9.13 -40.67 21.87
N GLU A 84 -8.48 -39.51 21.93
CA GLU A 84 -8.96 -38.29 21.26
C GLU A 84 -9.11 -38.54 19.76
N ASN A 85 -8.12 -39.23 19.20
CA ASN A 85 -8.11 -39.67 17.81
C ASN A 85 -9.38 -40.45 17.46
N VAL A 86 -9.57 -41.59 18.13
CA VAL A 86 -10.70 -42.48 17.85
C VAL A 86 -12.04 -41.74 17.98
N ILE A 87 -12.16 -40.91 19.01
CA ILE A 87 -13.39 -40.14 19.28
C ILE A 87 -13.68 -39.09 18.20
N LYS A 88 -12.65 -38.33 17.82
CA LYS A 88 -12.80 -37.28 16.81
C LYS A 88 -12.93 -37.79 15.36
N THR A 89 -12.64 -39.08 15.15
CA THR A 89 -12.67 -39.69 13.81
C THR A 89 -13.98 -40.45 13.50
N ARG A 90 -14.32 -41.42 14.35
CA ARG A 90 -15.57 -42.18 14.20
C ARG A 90 -16.47 -41.92 15.41
N TRP A 91 -17.71 -41.49 15.15
CA TRP A 91 -18.68 -41.21 16.22
C TRP A 91 -20.11 -41.10 15.69
N ARG A 96 -23.16 -47.86 19.35
CA ARG A 96 -23.65 -47.17 20.54
C ARG A 96 -22.95 -47.67 21.81
N ASN A 97 -23.18 -48.93 22.15
CA ASN A 97 -22.66 -49.56 23.39
C ASN A 97 -21.16 -49.34 23.65
N GLN A 98 -20.41 -49.05 22.57
CA GLN A 98 -18.96 -48.89 22.64
C GLN A 98 -18.56 -47.55 23.24
N CYS A 99 -18.97 -46.46 22.57
CA CYS A 99 -18.68 -45.11 23.02
C CYS A 99 -19.45 -44.72 24.28
N GLU A 100 -20.61 -45.35 24.48
CA GLU A 100 -21.37 -45.18 25.73
C GLU A 100 -20.54 -45.67 26.90
N GLY A 101 -19.70 -46.68 26.64
CA GLY A 101 -18.74 -47.17 27.62
C GLY A 101 -17.56 -46.23 27.76
N ILE A 102 -17.25 -45.53 26.67
CA ILE A 102 -16.18 -44.54 26.66
C ILE A 102 -16.54 -43.29 27.49
N LYS A 103 -17.71 -42.70 27.25
CA LYS A 103 -18.21 -41.55 28.04
C LYS A 103 -18.07 -41.83 29.53
N LYS A 104 -18.76 -42.88 30.00
CA LYS A 104 -18.74 -43.30 31.41
C LYS A 104 -17.32 -43.46 31.96
N TYR A 105 -16.45 -44.10 31.18
CA TYR A 105 -15.06 -44.31 31.60
C TYR A 105 -14.27 -43.00 31.73
N VAL A 106 -14.41 -42.13 30.72
CA VAL A 106 -13.70 -40.85 30.68
C VAL A 106 -14.04 -39.96 31.89
N VAL A 107 -15.33 -39.76 32.12
CA VAL A 107 -15.83 -38.99 33.27
C VAL A 107 -15.32 -39.55 34.60
N GLY A 108 -15.29 -40.87 34.72
CA GLY A 108 -14.80 -41.57 35.90
C GLY A 108 -13.36 -41.21 36.25
N LEU A 109 -12.50 -41.10 35.23
CA LEU A 109 -11.10 -40.76 35.44
C LEU A 109 -10.91 -39.41 36.12
N ILE A 110 -11.61 -38.39 35.62
CA ILE A 110 -11.49 -37.02 36.14
C ILE A 110 -12.14 -36.84 37.53
N ILE A 111 -13.29 -37.49 37.73
CA ILE A 111 -13.98 -37.48 39.03
C ILE A 111 -13.03 -38.01 40.10
N LYS A 112 -12.36 -39.13 39.78
CA LYS A 112 -11.30 -39.68 40.61
C LYS A 112 -10.15 -38.68 40.79
N THR A 113 -9.53 -38.28 39.67
CA THR A 113 -8.34 -37.43 39.70
C THR A 113 -8.53 -36.15 40.53
N SER A 114 -9.61 -35.41 40.25
CA SER A 114 -9.86 -34.13 40.92
C SER A 114 -10.76 -34.20 42.17
N SER A 115 -10.48 -35.20 43.02
CA SER A 115 -11.12 -35.30 44.36
C SER A 115 -10.18 -35.94 45.38
N GLU A 121 -1.36 -31.90 42.87
CA GLU A 121 -1.35 -30.67 42.08
C GLU A 121 -0.56 -30.86 40.80
N LYS A 122 0.55 -31.60 40.89
CA LYS A 122 1.39 -31.96 39.73
C LYS A 122 0.55 -32.67 38.66
N GLU A 123 -0.53 -33.27 39.13
CA GLU A 123 -1.60 -33.84 38.32
C GLU A 123 -2.21 -32.85 37.31
N LYS A 124 -2.05 -31.54 37.57
CA LYS A 124 -2.69 -30.44 36.80
C LYS A 124 -2.68 -30.60 35.27
N VAL A 125 -1.54 -30.99 34.72
CA VAL A 125 -1.37 -31.06 33.25
C VAL A 125 -2.20 -32.17 32.60
N TYR A 126 -2.38 -33.28 33.32
CA TYR A 126 -3.19 -34.42 32.85
C TYR A 126 -4.69 -34.15 32.96
N ILE A 127 -5.07 -33.33 33.95
CA ILE A 127 -6.46 -32.88 34.12
C ILE A 127 -6.95 -32.18 32.84
N GLY A 128 -6.29 -31.09 32.47
CA GLY A 128 -6.63 -30.32 31.27
C GLY A 128 -6.62 -31.19 30.04
N LYS A 129 -5.66 -32.10 29.97
CA LYS A 129 -5.53 -33.06 28.87
C LYS A 129 -6.77 -33.98 28.78
N LEU A 130 -7.26 -34.42 29.94
CA LEU A 130 -8.48 -35.24 30.02
C LEU A 130 -9.74 -34.43 29.70
N ASN A 131 -9.86 -33.27 30.34
CA ASN A 131 -10.96 -32.34 30.11
C ASN A 131 -11.13 -32.05 28.62
N MET A 132 -10.01 -31.89 27.93
CA MET A 132 -9.98 -31.58 26.51
C MET A 132 -10.82 -32.56 25.71
N ILE A 133 -10.63 -33.84 25.98
CA ILE A 133 -11.28 -34.90 25.21
C ILE A 133 -12.77 -35.00 25.50
N LEU A 134 -13.12 -34.78 26.77
CA LEU A 134 -14.52 -34.78 27.20
C LEU A 134 -15.31 -33.75 26.39
N VAL A 135 -14.69 -32.60 26.16
CA VAL A 135 -15.28 -31.54 25.34
C VAL A 135 -15.29 -31.99 23.89
N GLN A 136 -14.23 -32.67 23.46
CA GLN A 136 -14.15 -33.18 22.09
C GLN A 136 -15.34 -34.07 21.74
N ILE A 137 -15.72 -34.94 22.67
CA ILE A 137 -16.88 -35.80 22.47
C ILE A 137 -18.21 -35.03 22.56
N LEU A 138 -18.30 -34.15 23.55
CA LEU A 138 -19.50 -33.32 23.78
C LEU A 138 -19.93 -32.54 22.54
N LYS A 139 -18.94 -32.14 21.75
CA LYS A 139 -19.13 -31.39 20.52
C LYS A 139 -19.96 -32.19 19.53
N GLN A 140 -19.93 -33.52 19.67
CA GLN A 140 -20.65 -34.41 18.78
C GLN A 140 -21.91 -35.02 19.39
N GLU A 141 -21.88 -35.25 20.71
CA GLU A 141 -22.97 -35.94 21.39
C GLU A 141 -24.08 -35.01 21.91
N TRP A 142 -23.66 -33.96 22.59
CA TRP A 142 -24.54 -33.04 23.35
C TRP A 142 -25.32 -32.06 22.46
N PRO A 143 -26.59 -31.74 22.83
CA PRO A 143 -27.41 -32.28 23.92
C PRO A 143 -28.44 -33.32 23.48
N LYS A 144 -28.63 -33.48 22.16
CA LYS A 144 -29.70 -34.33 21.63
C LYS A 144 -29.55 -35.80 22.07
N HIS A 145 -28.30 -36.28 22.16
CA HIS A 145 -28.01 -37.64 22.65
C HIS A 145 -27.14 -37.66 23.91
N TRP A 146 -27.14 -36.55 24.66
CA TRP A 146 -26.65 -36.53 26.04
C TRP A 146 -27.45 -35.52 26.88
N PRO A 147 -28.75 -35.81 27.10
CA PRO A 147 -29.63 -34.78 27.64
C PRO A 147 -29.43 -34.52 29.14
N THR A 148 -28.86 -35.48 29.85
CA THR A 148 -28.73 -35.41 31.30
C THR A 148 -27.57 -34.53 31.69
N PHE A 149 -26.55 -34.48 30.83
CA PHE A 149 -25.28 -33.84 31.12
C PHE A 149 -25.40 -32.61 31.98
N ILE A 150 -26.19 -31.65 31.51
CA ILE A 150 -26.39 -30.37 32.19
C ILE A 150 -27.06 -30.45 33.58
N SER A 151 -28.03 -31.36 33.72
CA SER A 151 -28.71 -31.61 34.98
C SER A 151 -27.78 -32.38 35.93
N ASP A 152 -26.91 -33.20 35.33
CA ASP A 152 -25.98 -34.05 36.08
C ASP A 152 -24.82 -33.26 36.67
N ILE A 153 -24.16 -32.48 35.80
CA ILE A 153 -22.91 -31.77 36.12
C ILE A 153 -23.07 -30.78 37.27
N VAL A 154 -24.28 -30.24 37.39
CA VAL A 154 -24.68 -29.39 38.51
C VAL A 154 -24.60 -30.23 39.77
N GLY A 155 -25.36 -31.33 39.81
CA GLY A 155 -25.42 -32.22 40.96
C GLY A 155 -24.05 -32.52 41.53
N ALA A 156 -23.14 -33.00 40.68
CA ALA A 156 -21.79 -33.40 41.11
C ALA A 156 -21.08 -32.27 41.85
N SER A 157 -20.97 -31.13 41.17
CA SER A 157 -20.29 -29.95 41.68
C SER A 157 -20.97 -29.35 42.91
N ARG A 158 -22.30 -29.35 42.90
CA ARG A 158 -23.11 -28.76 43.97
C ARG A 158 -22.93 -29.46 45.32
N THR A 159 -22.00 -30.42 45.38
CA THR A 159 -21.78 -31.20 46.60
C THR A 159 -20.28 -31.29 46.95
N SER A 160 -19.43 -31.28 45.92
CA SER A 160 -17.98 -31.28 46.09
C SER A 160 -17.37 -30.01 45.51
N GLU A 161 -16.69 -29.23 46.34
CA GLU A 161 -15.96 -28.05 45.86
C GLU A 161 -14.86 -28.41 44.87
N SER A 162 -14.07 -29.43 45.21
CA SER A 162 -13.00 -29.92 44.34
C SER A 162 -13.54 -30.21 42.95
N LEU A 163 -14.65 -30.95 42.91
CA LEU A 163 -15.35 -31.26 41.65
C LEU A 163 -15.89 -30.00 40.97
N CYS A 164 -16.35 -29.05 41.78
CA CYS A 164 -16.96 -27.83 41.25
C CYS A 164 -15.95 -27.00 40.47
N GLN A 165 -14.71 -26.99 40.97
CA GLN A 165 -13.59 -26.36 40.30
C GLN A 165 -13.51 -26.80 38.85
N ASN A 166 -13.42 -28.11 38.64
CA ASN A 166 -13.17 -28.64 37.33
C ASN A 166 -14.34 -28.47 36.37
N ASN A 167 -15.56 -28.47 36.90
CA ASN A 167 -16.77 -28.37 36.08
C ASN A 167 -16.88 -26.99 35.47
N MET A 168 -16.52 -26.00 36.29
CA MET A 168 -16.36 -24.64 35.85
C MET A 168 -15.32 -24.60 34.73
N VAL A 169 -14.15 -25.18 34.97
CA VAL A 169 -13.09 -25.29 33.97
C VAL A 169 -13.62 -25.97 32.71
N ILE A 170 -14.46 -26.99 32.88
CA ILE A 170 -15.00 -27.75 31.74
C ILE A 170 -16.06 -26.97 30.98
N LEU A 171 -16.97 -26.32 31.71
CA LEU A 171 -18.01 -25.51 31.07
C LEU A 171 -17.44 -24.27 30.35
N LYS A 172 -16.31 -23.74 30.85
CA LYS A 172 -15.57 -22.67 30.18
C LYS A 172 -15.00 -23.20 28.88
N LEU A 173 -14.38 -24.37 28.94
CA LEU A 173 -13.85 -25.02 27.76
C LEU A 173 -14.92 -25.33 26.73
N LEU A 174 -16.10 -25.74 27.19
CA LEU A 174 -17.19 -26.14 26.29
C LEU A 174 -17.75 -24.94 25.54
N SER A 175 -17.93 -23.83 26.24
CA SER A 175 -18.43 -22.59 25.64
C SER A 175 -17.50 -22.05 24.57
N GLU A 176 -16.24 -22.48 24.61
CA GLU A 176 -15.27 -22.19 23.55
C GLU A 176 -15.44 -23.10 22.32
N GLU A 177 -16.42 -24.03 22.40
CA GLU A 177 -16.95 -24.76 21.22
C GLU A 177 -18.45 -24.43 21.01
N VAL A 178 -18.88 -23.33 21.63
CA VAL A 178 -20.19 -22.70 21.45
C VAL A 178 -19.95 -21.19 21.17
N PHE A 179 -18.67 -20.83 21.02
CA PHE A 179 -18.16 -19.51 20.54
C PHE A 179 -19.12 -18.33 20.61
N THR A 187 -25.28 -17.67 11.18
CA THR A 187 -24.94 -18.02 12.56
C THR A 187 -25.73 -17.21 13.59
N GLN A 188 -26.28 -16.06 13.17
CA GLN A 188 -27.05 -15.20 14.08
C GLN A 188 -28.39 -15.82 14.47
N VAL A 189 -29.16 -16.29 13.48
CA VAL A 189 -30.41 -17.01 13.74
C VAL A 189 -30.10 -18.43 14.27
N LYS A 190 -28.98 -18.98 13.81
CA LYS A 190 -28.50 -20.28 14.26
C LYS A 190 -28.22 -20.26 15.76
N SER A 191 -27.56 -19.20 16.23
CA SER A 191 -27.30 -19.03 17.67
C SER A 191 -28.56 -18.62 18.43
N LYS A 192 -29.38 -17.78 17.80
CA LYS A 192 -30.66 -17.35 18.38
C LYS A 192 -31.52 -18.55 18.74
N HIS A 193 -31.56 -19.53 17.81
CA HIS A 193 -32.27 -20.79 18.01
C HIS A 193 -31.68 -21.62 19.16
N LEU A 194 -30.35 -21.71 19.24
CA LEU A 194 -29.67 -22.43 20.32
C LEU A 194 -30.04 -21.83 21.67
N LYS A 195 -30.02 -20.50 21.75
CA LYS A 195 -30.38 -19.77 22.97
C LYS A 195 -31.84 -20.02 23.34
N ASP A 196 -32.69 -20.20 22.34
CA ASP A 196 -34.10 -20.54 22.55
C ASP A 196 -34.25 -21.98 23.04
N SER A 197 -33.71 -22.93 22.26
CA SER A 197 -33.91 -24.37 22.48
C SER A 197 -33.23 -24.90 23.74
N MET A 198 -31.95 -24.57 23.89
CA MET A 198 -31.15 -25.06 24.99
C MET A 198 -31.33 -24.20 26.23
N CYS A 199 -32.35 -23.36 26.17
CA CYS A 199 -32.74 -22.46 27.23
C CYS A 199 -32.64 -23.09 28.62
N ASN A 200 -33.22 -24.27 28.78
CA ASN A 200 -33.14 -25.02 30.02
C ASN A 200 -31.70 -25.24 30.49
N GLU A 201 -30.83 -25.65 29.56
CA GLU A 201 -29.45 -25.97 29.88
C GLU A 201 -28.71 -24.77 30.50
N PHE A 202 -28.87 -23.60 29.88
CA PHE A 202 -28.24 -22.39 30.37
C PHE A 202 -28.78 -22.03 31.75
N SER A 203 -30.11 -21.95 31.87
CA SER A 203 -30.78 -21.66 33.14
C SER A 203 -30.08 -22.30 34.35
N GLN A 204 -29.70 -23.57 34.19
CA GLN A 204 -29.08 -24.33 35.28
C GLN A 204 -27.63 -23.94 35.51
N ILE A 205 -26.91 -23.66 34.43
CA ILE A 205 -25.52 -23.21 34.52
C ILE A 205 -25.43 -21.93 35.37
N PHE A 206 -26.31 -20.97 35.07
CA PHE A 206 -26.39 -19.72 35.81
C PHE A 206 -26.69 -19.93 37.30
N GLN A 207 -27.54 -20.91 37.58
CA GLN A 207 -27.98 -21.16 38.94
C GLN A 207 -26.89 -21.86 39.72
N LEU A 208 -26.14 -22.72 39.05
CA LEU A 208 -24.99 -23.32 39.67
C LEU A 208 -24.06 -22.20 40.14
N CYS A 209 -23.79 -21.28 39.22
CA CYS A 209 -22.94 -20.12 39.49
C CYS A 209 -23.45 -19.27 40.64
N GLN A 210 -24.70 -18.85 40.53
CA GLN A 210 -25.36 -18.13 41.61
C GLN A 210 -25.05 -18.76 42.95
N PHE A 211 -25.46 -20.02 43.09
CA PHE A 211 -25.27 -20.74 44.33
C PHE A 211 -23.81 -20.69 44.81
N VAL A 212 -22.86 -20.83 43.87
CA VAL A 212 -21.43 -20.83 44.23
C VAL A 212 -21.03 -19.43 44.69
N MET A 213 -21.44 -18.41 43.94
CA MET A 213 -21.13 -17.02 44.28
C MET A 213 -21.73 -16.65 45.62
N GLU A 214 -22.90 -17.26 45.90
CA GLU A 214 -23.68 -17.00 47.11
C GLU A 214 -23.10 -17.56 48.39
N ASN A 215 -22.29 -18.62 48.31
CA ASN A 215 -21.96 -19.38 49.50
C ASN A 215 -20.49 -19.75 49.66
N SER A 216 -19.81 -20.01 48.54
CA SER A 216 -18.44 -20.48 48.60
C SER A 216 -17.54 -19.40 49.17
N GLN A 217 -16.49 -19.83 49.84
CA GLN A 217 -15.44 -18.91 50.19
C GLN A 217 -14.11 -19.50 49.75
N ASN A 218 -14.18 -20.38 48.75
CA ASN A 218 -13.00 -20.90 48.09
C ASN A 218 -12.60 -20.00 46.91
N ALA A 219 -11.79 -18.98 47.20
CA ALA A 219 -11.36 -18.02 46.17
C ALA A 219 -11.10 -18.68 44.79
N PRO A 220 -10.13 -19.61 44.70
CA PRO A 220 -9.82 -20.17 43.37
C PRO A 220 -11.04 -20.75 42.65
N LEU A 221 -12.00 -21.27 43.42
CA LEU A 221 -13.24 -21.76 42.82
C LEU A 221 -14.09 -20.59 42.33
N VAL A 222 -14.30 -19.61 43.20
CA VAL A 222 -15.11 -18.43 42.85
C VAL A 222 -14.61 -17.76 41.57
N HIS A 223 -13.29 -17.69 41.41
CA HIS A 223 -12.70 -17.12 40.20
C HIS A 223 -13.14 -17.88 38.96
N ALA A 224 -12.92 -19.19 38.99
CA ALA A 224 -13.29 -20.07 37.89
C ALA A 224 -14.78 -20.00 37.58
N THR A 225 -15.59 -19.76 38.61
CA THR A 225 -17.03 -19.64 38.45
C THR A 225 -17.30 -18.42 37.60
N LEU A 226 -16.76 -17.29 38.03
CA LEU A 226 -16.92 -16.02 37.35
C LEU A 226 -16.46 -16.11 35.90
N GLU A 227 -15.31 -16.76 35.66
CA GLU A 227 -14.89 -17.03 34.28
C GLU A 227 -16.01 -17.64 33.46
N THR A 228 -16.74 -18.57 34.07
CA THR A 228 -17.79 -19.30 33.39
C THR A 228 -19.03 -18.44 33.16
N LEU A 229 -19.40 -17.67 34.18
CA LEU A 229 -20.56 -16.79 34.04
C LEU A 229 -20.36 -15.90 32.81
N LEU A 230 -19.24 -15.17 32.80
CA LEU A 230 -18.85 -14.28 31.69
C LEU A 230 -19.07 -14.97 30.36
N ARG A 231 -18.32 -16.03 30.18
CA ARG A 231 -18.40 -16.94 29.06
C ARG A 231 -19.83 -17.40 28.65
N PHE A 232 -20.80 -17.30 29.56
CA PHE A 232 -22.17 -17.77 29.27
C PHE A 232 -23.25 -16.67 29.29
N LEU A 233 -22.88 -15.46 29.70
CA LEU A 233 -23.87 -14.40 29.94
C LEU A 233 -24.79 -14.06 28.77
N ASN A 234 -24.28 -14.28 27.55
CA ASN A 234 -25.04 -13.99 26.35
C ASN A 234 -26.03 -15.07 25.95
N TRP A 235 -25.99 -16.19 26.69
CA TRP A 235 -26.81 -17.36 26.39
C TRP A 235 -27.84 -17.63 27.47
N ILE A 236 -27.57 -17.18 28.69
CA ILE A 236 -28.51 -17.38 29.78
C ILE A 236 -29.68 -16.40 29.60
N PRO A 237 -30.93 -16.87 29.76
CA PRO A 237 -32.12 -16.01 29.60
C PRO A 237 -32.01 -14.67 30.34
N LEU A 238 -32.60 -13.63 29.73
CA LEU A 238 -32.47 -12.26 30.20
C LEU A 238 -32.81 -12.03 31.66
N GLY A 239 -33.97 -12.55 32.08
CA GLY A 239 -34.49 -12.36 33.44
C GLY A 239 -33.53 -12.77 34.54
N TYR A 240 -32.72 -13.78 34.27
CA TYR A 240 -31.75 -14.23 35.23
C TYR A 240 -30.68 -13.15 35.49
N ILE A 241 -30.41 -12.34 34.47
CA ILE A 241 -29.43 -11.24 34.57
C ILE A 241 -30.02 -10.01 35.28
N PHE A 242 -31.20 -9.57 34.82
CA PHE A 242 -31.82 -8.30 35.23
C PHE A 242 -32.88 -8.34 36.34
N GLU A 243 -33.64 -9.44 36.42
CA GLU A 243 -34.63 -9.61 37.49
C GLU A 243 -34.09 -10.41 38.66
N THR A 244 -32.76 -10.47 38.77
CA THR A 244 -32.11 -11.10 39.91
C THR A 244 -31.42 -10.02 40.75
N LYS A 245 -30.37 -10.42 41.44
CA LYS A 245 -29.54 -9.51 42.20
C LYS A 245 -28.11 -9.63 41.71
N LEU A 246 -27.97 -10.30 40.56
CA LEU A 246 -26.68 -10.50 39.91
C LEU A 246 -25.85 -9.23 39.85
N ILE A 247 -26.39 -8.23 39.14
CA ILE A 247 -25.74 -6.94 38.95
C ILE A 247 -25.16 -6.42 40.28
N SER A 248 -25.99 -6.31 41.31
CA SER A 248 -25.57 -5.76 42.60
C SER A 248 -24.53 -6.62 43.29
N THR A 249 -24.71 -7.95 43.19
CA THR A 249 -23.82 -8.92 43.84
C THR A 249 -22.41 -8.76 43.26
N LEU A 250 -22.37 -8.76 41.94
CA LEU A 250 -21.16 -8.58 41.17
C LEU A 250 -20.41 -7.29 41.53
N ILE A 251 -21.15 -6.19 41.60
CA ILE A 251 -20.58 -4.87 41.92
C ILE A 251 -20.09 -4.79 43.38
N TYR A 252 -20.89 -5.27 44.33
CA TYR A 252 -20.52 -5.15 45.75
C TYR A 252 -19.58 -6.21 46.26
N LYS A 253 -19.89 -7.47 45.98
CA LYS A 253 -19.15 -8.59 46.56
C LYS A 253 -17.85 -8.88 45.81
N PHE A 254 -17.77 -8.47 44.55
CA PHE A 254 -16.69 -8.94 43.69
C PHE A 254 -15.82 -7.89 43.01
N LEU A 255 -16.44 -6.93 42.33
CA LEU A 255 -15.71 -5.85 41.65
C LEU A 255 -14.75 -5.18 42.62
N ASN A 256 -15.31 -4.87 43.78
CA ASN A 256 -14.64 -4.43 44.99
C ASN A 256 -13.30 -5.07 45.32
N VAL A 257 -13.08 -6.30 44.86
CA VAL A 257 -12.01 -7.14 45.41
C VAL A 257 -10.94 -7.48 44.37
N PRO A 258 -9.69 -7.03 44.62
CA PRO A 258 -8.49 -7.19 43.81
C PRO A 258 -8.44 -8.40 42.87
N MET A 259 -8.26 -9.62 43.37
CA MET A 259 -8.10 -10.79 42.47
C MET A 259 -9.36 -11.19 41.66
N PHE A 260 -10.52 -10.60 41.99
CA PHE A 260 -11.78 -10.87 41.30
C PHE A 260 -12.21 -9.74 40.36
N ARG A 261 -11.59 -8.57 40.54
CA ARG A 261 -12.09 -7.30 39.98
C ARG A 261 -12.06 -7.20 38.45
N ASN A 262 -11.12 -7.87 37.81
CA ASN A 262 -11.10 -7.87 36.35
C ASN A 262 -12.29 -8.62 35.73
N VAL A 263 -12.47 -9.86 36.17
CA VAL A 263 -13.55 -10.73 35.68
C VAL A 263 -14.90 -10.11 35.99
N SER A 264 -15.02 -9.59 37.21
CA SER A 264 -16.20 -8.84 37.63
C SER A 264 -16.61 -7.81 36.57
N LEU A 265 -15.64 -6.99 36.19
CA LEU A 265 -15.88 -5.89 35.27
C LEU A 265 -16.21 -6.41 33.89
N LYS A 266 -15.44 -7.38 33.38
CA LYS A 266 -15.80 -8.03 32.11
C LYS A 266 -17.27 -8.47 32.06
N CYS A 267 -17.74 -9.09 33.15
CA CYS A 267 -19.13 -9.50 33.26
C CYS A 267 -20.09 -8.35 33.18
N LEU A 268 -19.79 -7.30 33.94
CA LEU A 268 -20.64 -6.13 33.98
C LEU A 268 -20.67 -5.45 32.61
N THR A 269 -19.55 -5.48 31.90
CA THR A 269 -19.55 -4.87 30.57
C THR A 269 -20.29 -5.75 29.58
N GLU A 270 -20.15 -7.05 29.76
CA GLU A 270 -20.91 -8.02 28.99
C GLU A 270 -22.42 -7.76 29.12
N ILE A 271 -22.88 -7.64 30.36
CA ILE A 271 -24.23 -7.17 30.66
C ILE A 271 -24.53 -5.82 29.99
N ALA A 272 -23.63 -4.84 30.14
CA ALA A 272 -23.86 -3.50 29.60
C ALA A 272 -24.11 -3.49 28.10
N GLY A 273 -23.47 -4.43 27.40
CA GLY A 273 -23.70 -4.64 25.96
C GLY A 273 -25.11 -5.09 25.54
N VAL A 274 -25.84 -5.74 26.45
CA VAL A 274 -27.21 -6.16 26.18
C VAL A 274 -28.08 -4.99 25.68
N SER A 275 -28.72 -5.17 24.53
CA SER A 275 -29.50 -4.11 23.89
C SER A 275 -30.98 -4.46 23.79
N VAL A 276 -31.76 -4.06 24.79
CA VAL A 276 -33.21 -4.33 24.79
C VAL A 276 -34.02 -3.08 25.05
N SER A 277 -35.35 -3.22 25.15
CA SER A 277 -36.25 -2.08 25.35
C SER A 277 -36.64 -1.94 26.83
N GLN A 278 -36.72 -3.07 27.53
CA GLN A 278 -37.03 -3.08 28.97
C GLN A 278 -35.73 -3.06 29.79
N TYR A 279 -35.88 -3.24 31.11
CA TYR A 279 -34.75 -3.20 32.06
C TYR A 279 -34.07 -1.83 32.17
N GLU A 280 -34.76 -0.80 31.67
CA GLU A 280 -34.29 0.56 31.71
C GLU A 280 -33.72 0.93 33.08
N GLU A 281 -34.47 0.71 34.15
CA GLU A 281 -34.00 1.05 35.51
C GLU A 281 -32.78 0.23 35.94
N GLN A 282 -32.71 -1.00 35.45
CA GLN A 282 -31.63 -1.90 35.83
C GLN A 282 -30.32 -1.49 35.19
N PHE A 283 -30.39 -1.03 33.94
CA PHE A 283 -29.23 -0.44 33.27
C PHE A 283 -28.75 0.79 34.03
N VAL A 284 -29.65 1.74 34.27
CA VAL A 284 -29.31 2.97 34.98
C VAL A 284 -28.62 2.67 36.32
N THR A 285 -29.04 1.58 36.94
CA THR A 285 -28.48 1.17 38.22
C THR A 285 -27.10 0.59 37.99
N LEU A 286 -26.98 -0.18 36.90
CA LEU A 286 -25.73 -0.79 36.51
C LEU A 286 -24.69 0.31 36.25
N PHE A 287 -25.15 1.43 35.73
CA PHE A 287 -24.27 2.56 35.50
C PHE A 287 -23.76 3.16 36.81
N THR A 288 -24.70 3.61 37.63
CA THR A 288 -24.38 4.38 38.81
C THR A 288 -23.61 3.61 39.89
N LEU A 289 -23.94 2.34 40.09
CA LEU A 289 -23.23 1.51 41.07
C LEU A 289 -21.79 1.13 40.65
N THR A 290 -21.62 0.76 39.39
CA THR A 290 -20.29 0.50 38.87
C THR A 290 -19.44 1.77 38.95
N MET A 291 -19.97 2.89 38.45
CA MET A 291 -19.28 4.17 38.61
C MET A 291 -18.86 4.37 40.07
N MET A 292 -19.81 4.18 40.98
CA MET A 292 -19.53 4.35 42.39
C MET A 292 -18.35 3.51 42.87
N GLN A 293 -18.30 2.25 42.49
CA GLN A 293 -17.17 1.41 42.89
C GLN A 293 -15.88 1.80 42.19
N LEU A 294 -15.99 2.21 40.94
CA LEU A 294 -14.82 2.55 40.14
C LEU A 294 -14.11 3.74 40.75
N LYS A 295 -14.88 4.80 41.01
CA LYS A 295 -14.40 6.02 41.65
C LYS A 295 -13.69 5.72 42.96
N GLN A 296 -13.79 4.48 43.41
CA GLN A 296 -13.15 4.06 44.63
C GLN A 296 -11.84 3.34 44.40
N MET A 297 -11.67 2.74 43.22
CA MET A 297 -10.48 1.96 43.00
C MET A 297 -9.45 2.71 42.18
N LEU A 298 -9.91 3.32 41.10
CA LEU A 298 -9.12 4.32 40.38
C LEU A 298 -9.86 5.64 40.50
N PRO A 299 -9.57 6.41 41.57
CA PRO A 299 -10.33 7.66 41.76
C PRO A 299 -10.04 8.67 40.66
N LEU A 300 -11.00 9.53 40.38
CA LEU A 300 -10.98 10.40 39.21
C LEU A 300 -9.82 11.39 39.17
N ASN A 301 -8.98 11.40 40.21
CA ASN A 301 -7.79 12.26 40.23
C ASN A 301 -6.52 11.46 40.03
N THR A 302 -6.65 10.22 39.57
CA THR A 302 -5.51 9.37 39.31
C THR A 302 -4.88 9.80 37.99
N ASN A 303 -3.57 9.61 37.86
CA ASN A 303 -2.96 9.79 36.56
C ASN A 303 -2.91 8.46 35.83
N ILE A 304 -4.07 8.05 35.30
CA ILE A 304 -4.24 6.79 34.53
C ILE A 304 -3.12 6.58 33.52
N ARG A 305 -2.79 7.64 32.77
CA ARG A 305 -1.72 7.59 31.76
C ARG A 305 -0.46 6.94 32.33
N LEU A 306 -0.05 7.43 33.51
CA LEU A 306 1.14 6.93 34.21
C LEU A 306 0.90 5.63 34.96
N ALA A 307 -0.26 5.52 35.62
CA ALA A 307 -0.67 4.28 36.24
C ALA A 307 -0.54 3.13 35.26
N TYR A 308 -0.97 3.34 34.03
CA TYR A 308 -0.94 2.26 33.05
C TYR A 308 0.48 1.82 32.71
N SER A 309 1.35 2.79 32.43
CA SER A 309 2.69 2.48 31.93
C SER A 309 3.56 1.83 33.00
N ASN A 310 3.36 2.26 34.25
CA ASN A 310 4.10 1.72 35.39
C ASN A 310 3.50 0.40 35.88
N GLY A 311 2.30 0.50 36.44
CA GLY A 311 1.60 -0.63 37.06
C GLY A 311 1.61 -1.94 36.30
N LYS A 312 1.27 -3.00 37.01
CA LYS A 312 1.36 -4.37 36.50
C LYS A 312 0.15 -4.75 35.63
N ASP A 313 0.25 -5.92 34.97
CA ASP A 313 -0.80 -6.44 34.07
C ASP A 313 -2.18 -6.35 34.70
N ASP A 314 -2.24 -6.79 35.95
CA ASP A 314 -3.34 -6.57 36.85
C ASP A 314 -4.00 -5.19 36.58
N GLU A 315 -3.26 -4.11 36.89
CA GLU A 315 -3.79 -2.74 36.85
C GLU A 315 -3.95 -2.22 35.44
N GLN A 316 -3.12 -2.74 34.54
CA GLN A 316 -3.24 -2.40 33.14
C GLN A 316 -4.59 -2.88 32.63
N ASN A 317 -4.82 -4.17 32.74
CA ASN A 317 -6.08 -4.77 32.30
C ASN A 317 -7.32 -4.18 32.93
N PHE A 318 -7.20 -3.72 34.17
CA PHE A 318 -8.32 -3.05 34.82
C PHE A 318 -8.69 -1.76 34.09
N ILE A 319 -7.67 -1.02 33.66
CA ILE A 319 -7.86 0.23 32.94
C ILE A 319 -8.47 -0.08 31.59
N GLN A 320 -7.90 -1.05 30.89
CA GLN A 320 -8.50 -1.50 29.66
C GLN A 320 -9.97 -1.87 29.90
N ASN A 321 -10.24 -2.66 30.94
CA ASN A 321 -11.60 -3.09 31.23
C ASN A 321 -12.53 -1.92 31.54
N LEU A 322 -12.00 -0.92 32.25
CA LEU A 322 -12.76 0.26 32.63
C LEU A 322 -13.29 0.93 31.37
N SER A 323 -12.38 1.20 30.44
CA SER A 323 -12.77 1.88 29.22
C SER A 323 -13.73 1.00 28.43
N LEU A 324 -13.41 -0.28 28.32
CA LEU A 324 -14.33 -1.23 27.70
C LEU A 324 -15.74 -1.14 28.31
N PHE A 325 -15.80 -0.99 29.64
CA PHE A 325 -17.10 -0.87 30.28
C PHE A 325 -17.82 0.40 29.87
N LEU A 326 -17.16 1.54 30.05
CA LEU A 326 -17.79 2.84 29.81
C LEU A 326 -18.21 2.98 28.37
N CYS A 327 -17.32 2.52 27.48
CA CYS A 327 -17.55 2.57 26.05
C CYS A 327 -18.73 1.69 25.63
N THR A 328 -18.72 0.42 26.07
CA THR A 328 -19.85 -0.45 25.78
C THR A 328 -21.11 0.16 26.37
N PHE A 329 -21.06 0.52 27.65
CA PHE A 329 -22.25 1.00 28.27
C PHE A 329 -22.80 2.21 27.57
N LEU A 330 -21.98 3.25 27.41
CA LEU A 330 -22.43 4.53 26.87
C LEU A 330 -22.89 4.47 25.42
N LYS A 331 -22.23 3.65 24.61
CA LYS A 331 -22.60 3.52 23.22
C LYS A 331 -24.03 3.03 23.08
N GLU A 332 -24.36 1.99 23.84
CA GLU A 332 -25.67 1.40 23.83
C GLU A 332 -26.70 2.17 24.64
N HIS A 333 -26.30 2.73 25.77
CA HIS A 333 -27.26 3.26 26.74
C HIS A 333 -27.12 4.72 27.13
N ASP A 334 -26.31 5.50 26.42
CA ASP A 334 -26.06 6.88 26.87
C ASP A 334 -27.34 7.68 27.10
N GLN A 335 -28.24 7.63 26.12
CA GLN A 335 -29.48 8.39 26.15
C GLN A 335 -30.25 8.30 27.50
N LEU A 336 -30.30 7.11 28.08
CA LEU A 336 -30.83 6.89 29.42
C LEU A 336 -30.22 7.83 30.42
N ILE A 337 -28.89 7.87 30.45
CA ILE A 337 -28.22 8.69 31.45
C ILE A 337 -28.37 10.17 31.18
N GLU A 338 -28.27 10.55 29.91
CA GLU A 338 -28.45 11.94 29.48
C GLU A 338 -29.73 12.57 30.02
N LYS A 339 -30.84 11.84 29.91
CA LYS A 339 -32.16 12.32 30.35
C LYS A 339 -32.31 12.46 31.86
N ARG A 340 -31.64 11.61 32.63
CA ARG A 340 -31.80 11.61 34.07
C ARG A 340 -30.99 12.73 34.71
N LEU A 341 -31.55 13.94 34.65
CA LEU A 341 -30.92 15.19 35.14
C LEU A 341 -30.09 15.10 36.45
N ASN A 342 -30.40 14.13 37.29
CA ASN A 342 -29.65 13.92 38.53
C ASN A 342 -28.37 13.16 38.29
N LEU A 343 -28.12 12.78 37.04
CA LEU A 343 -26.98 11.94 36.74
C LEU A 343 -25.82 12.62 35.98
N ARG A 344 -25.96 13.93 35.73
CA ARG A 344 -24.88 14.67 35.09
C ARG A 344 -23.55 14.49 35.76
N GLU A 345 -23.48 14.81 37.05
CA GLU A 345 -22.22 14.67 37.74
C GLU A 345 -21.62 13.33 37.38
N THR A 346 -22.44 12.29 37.42
CA THR A 346 -21.90 10.97 37.22
C THR A 346 -21.64 10.70 35.73
N LEU A 347 -22.49 11.24 34.86
CA LEU A 347 -22.22 11.19 33.43
C LEU A 347 -20.87 11.85 33.12
N MET A 348 -20.68 13.11 33.58
CA MET A 348 -19.40 13.83 33.46
C MET A 348 -18.26 13.04 34.04
N GLU A 349 -18.52 12.32 35.11
CA GLU A 349 -17.46 11.51 35.71
C GLU A 349 -17.04 10.38 34.78
N ALA A 350 -17.99 9.85 34.02
CA ALA A 350 -17.63 8.80 33.07
C ALA A 350 -16.77 9.38 31.94
N LEU A 351 -17.17 10.55 31.41
CA LEU A 351 -16.38 11.22 30.40
C LEU A 351 -14.97 11.55 30.94
N HIS A 352 -14.92 12.18 32.11
CA HIS A 352 -13.66 12.36 32.83
C HIS A 352 -12.74 11.14 32.69
N TYR A 353 -13.26 9.95 32.99
CA TYR A 353 -12.50 8.71 32.85
C TYR A 353 -12.08 8.48 31.41
N MET A 354 -13.01 8.70 30.48
CA MET A 354 -12.70 8.47 29.08
C MET A 354 -11.59 9.43 28.63
N LEU A 355 -11.59 10.67 29.13
CA LEU A 355 -10.48 11.57 28.83
C LEU A 355 -9.19 11.09 29.50
N LEU A 356 -9.26 10.68 30.75
CA LEU A 356 -8.08 10.22 31.47
C LEU A 356 -7.44 9.02 30.82
N VAL A 357 -8.26 8.13 30.29
CA VAL A 357 -7.76 6.93 29.64
C VAL A 357 -7.29 7.26 28.24
N SER A 358 -7.98 8.18 27.57
CA SER A 358 -7.54 8.64 26.26
C SER A 358 -6.11 9.17 26.29
N GLU A 359 -5.62 9.52 27.49
CA GLU A 359 -4.22 9.91 27.67
C GLU A 359 -3.26 8.74 27.58
N VAL A 360 -3.72 7.54 27.91
CA VAL A 360 -2.87 6.33 27.87
C VAL A 360 -2.05 6.25 26.59
N GLU A 361 -0.78 5.88 26.73
CA GLU A 361 0.13 5.77 25.61
C GLU A 361 -0.23 4.68 24.61
N GLU A 362 -0.51 3.48 25.09
CA GLU A 362 -0.64 2.28 24.23
C GLU A 362 -1.78 2.37 23.20
N THR A 363 -1.58 1.79 22.02
CA THR A 363 -2.53 1.92 20.90
C THR A 363 -3.86 1.20 21.13
N GLU A 364 -3.75 -0.04 21.61
CA GLU A 364 -4.90 -0.91 21.81
C GLU A 364 -5.89 -0.25 22.78
N ILE A 365 -5.36 0.47 23.77
CA ILE A 365 -6.20 1.25 24.69
C ILE A 365 -6.81 2.45 24.01
N PHE A 366 -6.03 3.14 23.20
CA PHE A 366 -6.54 4.31 22.50
C PHE A 366 -7.66 3.94 21.55
N LYS A 367 -7.55 2.76 20.93
CA LYS A 367 -8.52 2.33 19.94
C LYS A 367 -9.91 2.23 20.51
N ILE A 368 -10.03 1.70 21.73
CA ILE A 368 -11.32 1.66 22.40
C ILE A 368 -11.83 3.08 22.77
N CYS A 369 -10.95 3.92 23.32
CA CYS A 369 -11.35 5.28 23.59
C CYS A 369 -11.86 5.95 22.35
N LEU A 370 -11.15 5.72 21.25
CA LEU A 370 -11.44 6.40 20.00
C LEU A 370 -12.78 5.93 19.41
N GLU A 371 -13.08 4.65 19.60
CA GLU A 371 -14.36 4.14 19.19
C GLU A 371 -15.43 4.89 19.92
N TYR A 372 -15.21 5.12 21.22
CA TYR A 372 -16.18 5.89 21.98
C TYR A 372 -16.29 7.29 21.39
N TRP A 373 -15.18 8.03 21.26
CA TRP A 373 -15.29 9.41 20.77
C TRP A 373 -15.99 9.52 19.42
N ASN A 374 -15.66 8.59 18.51
CA ASN A 374 -16.32 8.57 17.21
C ASN A 374 -17.84 8.43 17.34
N HIS A 375 -18.29 7.57 18.27
CA HIS A 375 -19.72 7.37 18.52
C HIS A 375 -20.36 8.68 18.93
N LEU A 376 -19.78 9.29 19.97
CA LEU A 376 -20.24 10.55 20.50
C LEU A 376 -20.30 11.57 19.40
N ALA A 377 -19.24 11.66 18.60
CA ALA A 377 -19.18 12.73 17.59
C ALA A 377 -20.25 12.52 16.52
N ALA A 378 -20.42 11.27 16.10
CA ALA A 378 -21.36 10.96 15.06
C ALA A 378 -22.80 11.21 15.53
N GLU A 379 -23.10 10.81 16.76
CA GLU A 379 -24.42 11.07 17.31
C GLU A 379 -24.75 12.56 17.25
N LEU A 380 -23.89 13.36 17.87
CA LEU A 380 -24.05 14.80 17.90
C LEU A 380 -24.11 15.41 16.50
N TYR A 381 -23.28 14.92 15.57
CA TYR A 381 -23.34 15.42 14.21
C TYR A 381 -24.69 15.10 13.57
N ARG A 382 -25.20 13.90 13.83
CA ARG A 382 -26.48 13.48 13.26
C ARG A 382 -27.65 14.20 13.92
N GLU A 383 -27.53 14.56 15.19
CA GLU A 383 -28.48 15.46 15.81
C GLU A 383 -28.44 16.85 15.14
N SER A 384 -27.25 17.34 14.82
CA SER A 384 -27.01 18.80 14.79
C SER A 384 -27.24 19.61 13.50
N PRO A 385 -26.44 19.40 12.41
CA PRO A 385 -24.99 19.18 12.22
C PRO A 385 -24.32 20.52 11.89
N PHE A 386 -24.88 21.62 12.42
CA PHE A 386 -24.40 22.97 12.19
C PHE A 386 -23.55 23.47 13.35
N SER A 387 -23.35 24.79 13.43
CA SER A 387 -22.42 25.38 14.40
C SER A 387 -23.10 26.29 15.44
N VAL A 402 -28.77 26.19 20.39
CA VAL A 402 -27.96 24.97 20.55
C VAL A 402 -28.87 23.78 20.81
N PRO A 403 -28.79 22.75 19.95
CA PRO A 403 -29.50 21.46 20.13
C PRO A 403 -29.25 20.82 21.50
N PRO A 404 -30.25 20.08 22.03
CA PRO A 404 -30.26 19.59 23.42
C PRO A 404 -29.15 18.60 23.84
N ARG A 405 -28.84 17.58 23.02
CA ARG A 405 -27.79 16.63 23.40
C ARG A 405 -26.39 17.26 23.37
N ARG A 406 -26.16 18.13 22.39
CA ARG A 406 -24.93 18.89 22.32
C ARG A 406 -24.67 19.69 23.60
N GLN A 407 -25.73 20.40 24.05
CA GLN A 407 -25.68 21.23 25.25
C GLN A 407 -25.15 20.43 26.44
N LEU A 408 -25.50 19.16 26.50
CA LEU A 408 -25.01 18.29 27.55
C LEU A 408 -23.51 18.18 27.56
N TYR A 409 -22.92 18.07 26.37
CA TYR A 409 -21.52 17.74 26.22
C TYR A 409 -20.54 18.92 26.00
N LEU A 410 -21.05 20.14 25.78
CA LEU A 410 -20.15 21.28 25.58
C LEU A 410 -19.07 21.38 26.63
N PRO A 411 -19.37 21.12 27.91
CA PRO A 411 -18.30 21.20 28.88
C PRO A 411 -17.05 20.36 28.53
N MET A 412 -17.20 19.30 27.75
CA MET A 412 -16.00 18.54 27.44
C MET A 412 -15.69 18.27 25.96
N LEU A 413 -16.54 18.72 25.04
CA LEU A 413 -16.28 18.56 23.62
C LEU A 413 -14.91 19.07 23.14
N PHE A 414 -14.52 20.28 23.54
CA PHE A 414 -13.23 20.83 23.11
C PHE A 414 -12.10 19.92 23.55
N LYS A 415 -12.25 19.20 24.64
CA LYS A 415 -11.19 18.30 25.04
C LYS A 415 -11.05 17.14 24.06
N VAL A 416 -12.15 16.76 23.41
CA VAL A 416 -12.09 15.71 22.40
C VAL A 416 -11.38 16.27 21.18
N ARG A 417 -11.78 17.48 20.76
CA ARG A 417 -11.08 18.18 19.67
C ARG A 417 -9.59 18.21 19.96
N LEU A 418 -9.23 18.52 21.21
CA LEU A 418 -7.85 18.63 21.58
C LEU A 418 -7.13 17.30 21.44
N LEU A 419 -7.82 16.23 21.80
CA LEU A 419 -7.20 14.93 21.83
C LEU A 419 -6.90 14.48 20.40
N MET A 420 -7.86 14.67 19.50
CA MET A 420 -7.67 14.29 18.10
C MET A 420 -6.49 15.05 17.54
N VAL A 421 -6.53 16.38 17.71
CA VAL A 421 -5.48 17.23 17.16
C VAL A 421 -4.12 16.81 17.73
N SER A 422 -4.05 16.51 19.00
CA SER A 422 -2.73 16.28 19.56
C SER A 422 -2.24 14.84 19.43
N ARG A 423 -3.09 13.94 18.96
CA ARG A 423 -2.68 12.54 18.79
C ARG A 423 -2.96 11.97 17.42
N MET A 424 -3.22 12.85 16.46
CA MET A 424 -3.52 12.46 15.09
C MET A 424 -2.50 11.45 14.59
N ALA A 425 -2.97 10.32 14.07
CA ALA A 425 -2.10 9.26 13.52
C ALA A 425 -1.47 9.66 12.19
N LYS A 426 -0.28 9.13 11.90
CA LYS A 426 0.31 9.30 10.56
C LYS A 426 -0.71 9.01 9.42
N PRO A 427 -1.01 10.03 8.57
CA PRO A 427 -1.98 9.86 7.49
C PRO A 427 -1.54 8.85 6.47
N GLU A 428 -2.49 8.37 5.67
CA GLU A 428 -2.26 7.33 4.65
C GLU A 428 -0.95 7.48 3.79
N GLU A 429 -0.57 8.72 3.50
CA GLU A 429 0.80 9.06 3.05
C GLU A 429 1.90 8.08 3.55
N ASP A 447 -0.77 -1.82 9.29
CA ASP A 447 -0.96 -1.24 7.95
C ASP A 447 -2.44 -0.92 7.60
N THR A 448 -3.28 -1.96 7.44
CA THR A 448 -4.74 -1.77 7.33
C THR A 448 -5.28 -1.18 8.64
N ASP A 449 -4.67 -1.58 9.76
CA ASP A 449 -4.97 -1.01 11.06
C ASP A 449 -4.64 0.48 11.15
N SER A 450 -3.47 0.86 10.64
CA SER A 450 -2.96 2.23 10.76
C SER A 450 -3.68 3.23 9.87
N ILE A 451 -4.06 2.76 8.68
CA ILE A 451 -4.92 3.49 7.76
C ILE A 451 -6.26 3.73 8.48
N ASN A 452 -6.84 2.67 9.03
CA ASN A 452 -8.05 2.78 9.82
C ASN A 452 -7.92 3.77 10.96
N LEU A 453 -6.92 3.54 11.81
CA LEU A 453 -6.60 4.48 12.88
C LEU A 453 -6.64 5.92 12.37
N TYR A 454 -5.93 6.25 11.31
CA TYR A 454 -6.01 7.62 10.83
C TYR A 454 -7.41 8.01 10.34
N LYS A 455 -8.05 7.13 9.55
CA LYS A 455 -9.37 7.39 9.00
C LYS A 455 -10.37 7.73 10.10
N ASN A 456 -10.34 6.95 11.20
CA ASN A 456 -11.26 7.12 12.33
C ASN A 456 -11.06 8.45 13.02
N MET A 457 -9.79 8.77 13.25
CA MET A 457 -9.43 10.01 13.87
C MET A 457 -9.80 11.17 12.98
N ARG A 458 -9.62 11.03 11.68
CA ARG A 458 -10.05 12.08 10.76
C ARG A 458 -11.54 12.29 10.89
N GLU A 459 -12.26 11.18 10.96
CA GLU A 459 -13.71 11.20 10.91
C GLU A 459 -14.26 11.92 12.14
N THR A 460 -13.80 11.48 13.31
CA THR A 460 -14.16 12.09 14.56
C THR A 460 -13.86 13.58 14.54
N LEU A 461 -12.67 13.94 14.06
CA LEU A 461 -12.29 15.36 14.04
C LEU A 461 -13.12 16.16 13.06
N VAL A 462 -13.48 15.54 11.95
CA VAL A 462 -14.30 16.24 10.96
C VAL A 462 -15.70 16.48 11.48
N TYR A 463 -16.26 15.50 12.20
CA TYR A 463 -17.52 15.72 12.90
C TYR A 463 -17.39 16.90 13.85
N LEU A 464 -16.49 16.76 14.81
CA LEU A 464 -16.26 17.80 15.79
C LEU A 464 -16.03 19.18 15.13
N THR A 465 -15.37 19.20 13.99
CA THR A 465 -15.14 20.48 13.31
C THR A 465 -16.45 21.08 12.82
N HIS A 466 -17.39 20.23 12.40
CA HIS A 466 -18.64 20.76 11.88
C HIS A 466 -19.46 21.32 13.01
N LEU A 467 -19.51 20.59 14.12
CA LEU A 467 -20.13 21.06 15.34
C LEU A 467 -19.69 22.49 15.71
N ASP A 468 -18.38 22.73 15.78
CA ASP A 468 -17.87 24.09 16.03
C ASP A 468 -16.52 24.38 15.33
N TYR A 469 -16.59 25.01 14.16
CA TYR A 469 -15.38 25.19 13.41
C TYR A 469 -14.48 26.20 14.11
N VAL A 470 -15.08 27.21 14.73
CA VAL A 470 -14.29 28.25 15.44
C VAL A 470 -13.49 27.65 16.58
N ASP A 471 -14.08 26.73 17.32
CA ASP A 471 -13.35 26.12 18.41
C ASP A 471 -12.18 25.31 17.88
N THR A 472 -12.41 24.61 16.78
CA THR A 472 -11.39 23.71 16.22
C THR A 472 -10.21 24.52 15.64
N GLU A 473 -10.52 25.58 14.90
CA GLU A 473 -9.52 26.48 14.40
C GLU A 473 -8.67 27.05 15.54
N ARG A 474 -9.32 27.30 16.68
CA ARG A 474 -8.66 27.97 17.76
C ARG A 474 -7.72 26.99 18.46
N ILE A 475 -8.18 25.79 18.72
CA ILE A 475 -7.30 24.72 19.20
C ILE A 475 -6.08 24.62 18.29
N MET A 476 -6.30 24.63 16.98
CA MET A 476 -5.20 24.48 16.03
C MET A 476 -4.20 25.67 16.04
N THR A 477 -4.71 26.89 15.89
CA THR A 477 -3.89 28.07 16.02
C THR A 477 -3.02 28.07 17.28
N GLU A 478 -3.53 27.46 18.32
CA GLU A 478 -2.88 27.54 19.60
C GLU A 478 -1.83 26.44 19.70
N LYS A 479 -2.11 25.31 19.06
CA LYS A 479 -1.14 24.24 19.00
C LYS A 479 0.05 24.70 18.17
N LEU A 480 -0.23 25.60 17.24
CA LEU A 480 0.77 26.20 16.40
C LEU A 480 1.62 27.14 17.20
N HIS A 481 1.00 28.13 17.86
CA HIS A 481 1.69 29.03 18.77
C HIS A 481 2.69 28.28 19.64
N ASN A 482 2.32 27.11 20.12
CA ASN A 482 3.19 26.35 20.97
C ASN A 482 4.36 25.66 20.29
N GLN A 483 4.35 25.62 18.97
CA GLN A 483 5.55 25.25 18.21
C GLN A 483 6.46 26.49 18.09
N VAL A 484 5.87 27.66 17.91
CA VAL A 484 6.65 28.89 17.86
C VAL A 484 7.25 29.27 19.22
N ASN A 485 6.46 29.15 20.30
CA ASN A 485 6.87 29.24 21.73
C ASN A 485 8.07 28.44 22.06
N GLY A 486 8.08 27.22 21.53
CA GLY A 486 9.03 26.24 21.95
C GLY A 486 8.48 25.41 23.08
N THR A 487 7.28 25.76 23.57
CA THR A 487 6.73 25.03 24.73
C THR A 487 6.35 23.62 24.39
N GLU A 488 5.89 23.37 23.16
CA GLU A 488 5.65 21.99 22.74
C GLU A 488 6.45 21.59 21.50
N TRP A 489 7.47 22.38 21.18
CA TRP A 489 8.26 22.14 19.97
C TRP A 489 8.89 20.74 19.92
N SER A 490 8.63 20.00 18.84
CA SER A 490 9.34 18.76 18.54
C SER A 490 9.01 18.32 17.11
N TRP A 491 9.87 17.52 16.48
CA TRP A 491 9.53 17.11 15.12
C TRP A 491 8.24 16.30 15.15
N LYS A 492 8.15 15.40 16.13
CA LYS A 492 6.96 14.62 16.30
C LYS A 492 5.76 15.54 16.46
N ASN A 493 5.84 16.52 17.37
CA ASN A 493 4.68 17.33 17.64
C ASN A 493 4.25 18.18 16.47
N LEU A 494 5.21 18.75 15.75
CA LEU A 494 4.89 19.57 14.60
C LEU A 494 4.26 18.73 13.49
N ASN A 495 4.82 17.55 13.24
CA ASN A 495 4.22 16.65 12.29
C ASN A 495 2.75 16.32 12.61
N THR A 496 2.50 15.94 13.87
CA THR A 496 1.16 15.54 14.28
C THR A 496 0.16 16.66 14.02
N LEU A 497 0.52 17.85 14.51
CA LEU A 497 -0.27 19.04 14.32
C LEU A 497 -0.62 19.17 12.86
N CYS A 498 0.42 19.19 12.02
CA CYS A 498 0.22 19.35 10.59
C CYS A 498 -0.62 18.25 9.94
N TRP A 499 -0.49 17.03 10.43
CA TRP A 499 -1.37 15.98 9.98
C TRP A 499 -2.82 16.33 10.31
N ALA A 500 -3.05 16.76 11.55
CA ALA A 500 -4.42 17.10 11.98
C ALA A 500 -4.95 18.28 11.16
N ILE A 501 -4.11 19.30 10.93
CA ILE A 501 -4.51 20.40 10.05
C ILE A 501 -4.90 19.88 8.66
N GLY A 502 -4.07 19.01 8.12
CA GLY A 502 -4.36 18.45 6.82
C GLY A 502 -5.64 17.66 6.87
N SER A 503 -5.89 16.96 7.98
CA SER A 503 -7.01 16.00 8.01
C SER A 503 -8.39 16.61 7.87
N ILE A 504 -8.59 17.84 8.29
CA ILE A 504 -9.94 18.44 8.25
C ILE A 504 -10.26 19.14 6.91
N SER A 505 -9.39 18.95 5.92
CA SER A 505 -9.40 19.71 4.68
C SER A 505 -10.68 19.97 3.84
N GLY A 506 -11.79 19.31 4.10
CA GLY A 506 -13.00 19.84 3.43
C GLY A 506 -14.04 20.51 4.34
N ALA A 507 -13.78 20.52 5.66
CA ALA A 507 -14.84 20.71 6.65
C ALA A 507 -15.27 22.15 6.87
N MET A 508 -14.46 23.11 6.49
CA MET A 508 -14.78 24.50 6.67
C MET A 508 -15.30 25.07 5.36
N HIS A 509 -15.87 26.27 5.39
CA HIS A 509 -16.31 26.90 4.15
C HIS A 509 -15.11 27.55 3.50
N GLU A 510 -15.15 27.71 2.17
CA GLU A 510 -14.06 28.37 1.42
C GLU A 510 -13.51 29.54 2.21
N GLU A 511 -14.38 30.50 2.47
CA GLU A 511 -13.97 31.74 3.11
C GLU A 511 -13.33 31.55 4.48
N ASP A 512 -13.88 30.66 5.29
CA ASP A 512 -13.30 30.38 6.59
C ASP A 512 -11.94 29.74 6.37
N GLU A 513 -11.91 28.72 5.51
CA GLU A 513 -10.70 27.99 5.13
C GLU A 513 -9.60 28.97 4.77
N LYS A 514 -9.87 29.85 3.80
CA LYS A 514 -8.93 30.83 3.38
C LYS A 514 -8.32 31.55 4.57
N ARG A 515 -9.14 32.13 5.43
CA ARG A 515 -8.64 32.91 6.53
C ARG A 515 -7.74 32.07 7.40
N PHE A 516 -8.11 30.81 7.60
CA PHE A 516 -7.40 29.91 8.48
C PHE A 516 -6.03 29.54 7.92
N LEU A 517 -5.98 29.20 6.63
CA LEU A 517 -4.75 28.74 5.98
C LEU A 517 -3.75 29.87 5.96
N VAL A 518 -4.23 31.08 5.63
CA VAL A 518 -3.39 32.26 5.62
C VAL A 518 -2.70 32.40 6.97
N THR A 519 -3.39 32.22 8.10
CA THR A 519 -2.58 32.30 9.33
C THR A 519 -1.70 31.08 9.52
N VAL A 520 -2.23 29.87 9.32
CA VAL A 520 -1.38 28.67 9.34
C VAL A 520 -0.06 28.80 8.52
N ILE A 521 -0.16 29.08 7.20
CA ILE A 521 1.03 29.20 6.33
C ILE A 521 2.00 30.29 6.86
N LYS A 522 1.55 31.55 6.97
CA LYS A 522 2.39 32.63 7.54
C LYS A 522 3.15 32.20 8.79
N ASP A 523 2.45 31.57 9.71
CA ASP A 523 3.02 31.24 11.00
C ASP A 523 4.11 30.20 10.88
N LEU A 524 3.87 29.19 10.04
CA LEU A 524 4.84 28.13 9.78
C LEU A 524 6.02 28.69 8.99
N LEU A 525 5.73 29.55 8.00
CA LEU A 525 6.77 30.27 7.31
C LEU A 525 7.65 31.00 8.29
N GLY A 526 7.02 31.71 9.21
CA GLY A 526 7.72 32.32 10.30
C GLY A 526 8.52 31.33 11.08
N LEU A 527 7.93 30.18 11.41
CA LEU A 527 8.61 29.23 12.26
C LEU A 527 9.90 28.73 11.60
N CYS A 528 9.84 28.57 10.27
CA CYS A 528 10.96 28.08 9.49
C CYS A 528 12.12 29.08 9.48
N GLU A 529 11.81 30.36 9.28
CA GLU A 529 12.83 31.39 9.35
C GLU A 529 13.43 31.45 10.74
N GLN A 530 12.79 30.89 11.75
CA GLN A 530 13.19 31.16 13.11
C GLN A 530 13.99 30.01 13.68
N LYS A 531 13.70 28.80 13.23
CA LYS A 531 14.43 27.64 13.72
C LYS A 531 15.81 27.53 13.07
N ARG A 532 16.78 26.99 13.80
CA ARG A 532 18.16 26.98 13.39
C ARG A 532 18.62 25.82 12.50
N GLY A 533 18.24 24.59 12.76
CA GLY A 533 18.80 23.49 11.88
C GLY A 533 18.58 23.60 10.36
N LYS A 534 19.43 22.96 9.56
CA LYS A 534 18.97 22.57 8.23
C LYS A 534 17.96 21.45 8.46
N ASP A 535 18.24 20.60 9.44
CA ASP A 535 17.28 19.61 9.89
C ASP A 535 15.96 20.24 10.24
N ASN A 536 15.98 21.28 11.07
CA ASN A 536 14.71 21.78 11.57
C ASN A 536 13.91 22.33 10.44
N LYS A 537 14.57 23.16 9.65
CA LYS A 537 13.99 23.73 8.46
C LYS A 537 13.42 22.71 7.46
N ALA A 538 14.08 21.58 7.26
CA ALA A 538 13.52 20.59 6.35
C ALA A 538 12.17 20.04 6.91
N ILE A 539 12.14 19.72 8.21
CA ILE A 539 10.94 19.20 8.85
C ILE A 539 9.81 20.16 8.67
N ILE A 540 10.06 21.44 8.94
CA ILE A 540 9.05 22.48 8.77
C ILE A 540 8.59 22.61 7.31
N ALA A 541 9.54 22.74 6.39
CA ALA A 541 9.23 22.92 4.99
C ALA A 541 8.37 21.78 4.44
N SER A 542 8.61 20.56 4.89
CA SER A 542 7.79 19.46 4.41
C SER A 542 6.38 19.59 4.92
N ASN A 543 6.26 19.98 6.20
CA ASN A 543 4.97 20.16 6.79
C ASN A 543 4.19 21.23 6.06
N ILE A 544 4.82 22.39 5.80
CA ILE A 544 4.15 23.42 5.00
C ILE A 544 3.66 22.86 3.67
N MET A 545 4.54 22.15 2.96
CA MET A 545 4.17 21.57 1.67
C MET A 545 3.09 20.52 1.86
N TYR A 546 3.17 19.74 2.93
CA TYR A 546 2.12 18.77 3.16
C TYR A 546 0.75 19.45 3.26
N ILE A 547 0.67 20.45 4.15
CA ILE A 547 -0.59 21.18 4.36
C ILE A 547 -1.06 21.66 2.99
N VAL A 548 -0.22 22.45 2.33
CA VAL A 548 -0.60 23.09 1.08
C VAL A 548 -1.20 22.08 0.10
N GLY A 549 -0.53 20.93 -0.06
CA GLY A 549 -1.05 19.83 -0.85
C GLY A 549 -2.38 19.27 -0.40
N GLN A 550 -2.78 19.46 0.84
CA GLN A 550 -4.10 18.95 1.24
C GLN A 550 -5.25 19.90 0.90
N TYR A 551 -4.96 21.08 0.38
CA TYR A 551 -5.93 22.12 0.16
C TYR A 551 -5.93 22.72 -1.27
N PRO A 552 -6.15 21.84 -2.29
CA PRO A 552 -6.25 22.33 -3.66
C PRO A 552 -7.30 23.43 -3.80
N ARG A 553 -8.45 23.26 -3.13
CA ARG A 553 -9.45 24.30 -3.19
C ARG A 553 -8.82 25.68 -2.97
N PHE A 554 -7.93 25.80 -2.00
CA PHE A 554 -7.23 27.07 -1.74
C PHE A 554 -6.34 27.49 -2.91
N LEU A 555 -5.55 26.54 -3.42
CA LEU A 555 -4.65 26.79 -4.55
C LEU A 555 -5.39 27.20 -5.82
N ARG A 556 -6.48 26.50 -6.13
CA ARG A 556 -7.28 26.82 -7.34
C ARG A 556 -7.86 28.22 -7.21
N ALA A 557 -8.20 28.62 -5.99
CA ALA A 557 -8.72 29.96 -5.74
C ALA A 557 -7.71 31.07 -5.95
N HIS A 558 -6.41 30.80 -5.83
CA HIS A 558 -5.44 31.90 -5.89
C HIS A 558 -4.21 31.64 -6.73
N TRP A 559 -4.26 32.03 -7.99
CA TRP A 559 -3.16 31.72 -8.93
C TRP A 559 -1.76 32.14 -8.44
N LYS A 560 -1.55 33.42 -8.21
CA LYS A 560 -0.23 33.87 -7.78
C LYS A 560 0.36 32.99 -6.69
N PHE A 561 -0.47 32.59 -5.73
CA PHE A 561 0.02 31.71 -4.68
C PHE A 561 0.36 30.29 -5.19
N LEU A 562 -0.53 29.68 -5.96
CA LEU A 562 -0.25 28.38 -6.54
C LEU A 562 1.13 28.41 -7.23
N LYS A 563 1.31 29.47 -8.01
CA LYS A 563 2.46 29.62 -8.87
C LYS A 563 3.68 29.82 -7.97
N THR A 564 3.51 30.62 -6.91
CA THR A 564 4.57 30.82 -5.94
C THR A 564 4.95 29.50 -5.33
N VAL A 565 3.98 28.66 -5.02
CA VAL A 565 4.24 27.37 -4.43
C VAL A 565 4.92 26.42 -5.41
N VAL A 566 4.44 26.35 -6.64
CA VAL A 566 5.08 25.46 -7.62
C VAL A 566 6.54 25.88 -7.88
N ASN A 567 6.81 27.18 -7.88
CA ASN A 567 8.17 27.66 -8.09
C ASN A 567 9.09 27.28 -6.95
N LYS A 568 8.57 27.33 -5.71
CA LYS A 568 9.33 26.95 -4.51
C LYS A 568 9.66 25.46 -4.60
N LEU A 569 8.71 24.69 -5.11
CA LEU A 569 8.87 23.26 -5.23
C LEU A 569 10.02 22.91 -6.21
N PHE A 570 10.13 23.69 -7.29
CA PHE A 570 11.23 23.59 -8.24
C PHE A 570 12.55 23.99 -7.59
N GLU A 571 12.50 25.01 -6.75
CA GLU A 571 13.68 25.41 -6.03
C GLU A 571 14.17 24.27 -5.12
N PHE A 572 13.23 23.55 -4.51
CA PHE A 572 13.55 22.54 -3.53
C PHE A 572 13.99 21.29 -4.21
N MET A 573 13.70 21.19 -5.51
CA MET A 573 14.14 20.03 -6.28
C MET A 573 15.66 20.12 -6.47
N HIS A 574 16.27 21.21 -6.00
CA HIS A 574 17.72 21.24 -5.88
C HIS A 574 18.27 21.02 -4.47
N GLU A 575 17.43 20.99 -3.45
CA GLU A 575 17.92 20.81 -2.08
C GLU A 575 18.52 19.45 -1.83
N THR A 576 19.76 19.44 -1.37
CA THR A 576 20.39 18.18 -1.05
C THR A 576 20.07 17.63 0.32
N HIS A 577 19.31 18.34 1.13
CA HIS A 577 19.07 17.82 2.46
C HIS A 577 18.13 16.64 2.41
N ASP A 578 18.29 15.80 3.42
CA ASP A 578 17.80 14.46 3.44
C ASP A 578 16.65 14.07 2.56
N GLY A 579 15.45 14.58 2.78
CA GLY A 579 14.35 14.11 1.94
C GLY A 579 13.53 15.22 1.32
N VAL A 580 14.13 16.40 1.18
CA VAL A 580 13.32 17.50 0.68
C VAL A 580 13.09 17.44 -0.81
N GLN A 581 13.95 16.76 -1.56
CA GLN A 581 13.68 16.51 -2.98
C GLN A 581 12.51 15.58 -3.15
N ASP A 582 12.43 14.56 -2.30
CA ASP A 582 11.28 13.68 -2.33
C ASP A 582 10.01 14.44 -2.00
N MET A 583 10.00 15.23 -0.91
CA MET A 583 8.73 15.88 -0.53
C MET A 583 8.35 16.88 -1.58
N ALA A 584 9.36 17.47 -2.23
CA ALA A 584 9.10 18.40 -3.30
C ALA A 584 8.41 17.74 -4.50
N CYS A 585 8.88 16.59 -4.97
CA CYS A 585 8.23 15.89 -6.07
C CYS A 585 6.85 15.38 -5.67
N ASP A 586 6.79 14.69 -4.53
CA ASP A 586 5.50 14.22 -3.99
C ASP A 586 4.48 15.35 -3.87
N THR A 587 4.88 16.51 -3.37
CA THR A 587 3.93 17.62 -3.38
C THR A 587 3.59 18.04 -4.82
N PHE A 588 4.60 18.10 -5.68
CA PHE A 588 4.38 18.60 -7.02
C PHE A 588 3.37 17.75 -7.80
N ILE A 589 3.45 16.43 -7.65
CA ILE A 589 2.51 15.56 -8.31
C ILE A 589 1.08 15.72 -7.74
N LYS A 590 0.92 15.88 -6.41
CA LYS A 590 -0.44 16.13 -5.86
C LYS A 590 -1.00 17.39 -6.46
N ILE A 591 -0.25 18.47 -6.40
CA ILE A 591 -0.76 19.74 -6.85
C ILE A 591 -1.13 19.67 -8.34
N ALA A 592 -0.24 19.10 -9.16
CA ALA A 592 -0.49 18.92 -10.60
C ALA A 592 -1.78 18.13 -10.84
N GLN A 593 -1.90 17.01 -10.17
CA GLN A 593 -3.08 16.18 -10.31
C GLN A 593 -4.37 16.93 -9.95
N LYS A 594 -4.37 17.67 -8.85
CA LYS A 594 -5.59 18.30 -8.35
C LYS A 594 -5.81 19.71 -8.89
N CYS A 595 -4.86 20.22 -9.69
CA CYS A 595 -4.98 21.55 -10.29
C CYS A 595 -4.65 21.67 -11.79
N ARG A 596 -4.56 20.52 -12.46
CA ARG A 596 -4.34 20.42 -13.90
C ARG A 596 -4.64 21.65 -14.73
N ARG A 597 -5.92 22.04 -14.77
CA ARG A 597 -6.38 23.04 -15.74
C ARG A 597 -5.68 24.35 -15.48
N HIS A 598 -5.27 24.59 -14.26
CA HIS A 598 -4.64 25.86 -13.96
C HIS A 598 -3.27 26.06 -14.57
N PHE A 599 -2.69 25.00 -15.11
CA PHE A 599 -1.35 25.07 -15.64
C PHE A 599 -1.45 25.16 -17.12
N VAL A 600 -2.41 24.42 -17.64
CA VAL A 600 -2.47 24.10 -19.03
C VAL A 600 -3.03 25.24 -19.79
N GLN A 601 -2.67 25.22 -21.07
CA GLN A 601 -2.76 26.39 -21.93
C GLN A 601 -4.09 27.18 -21.69
N VAL A 602 -4.34 27.48 -20.40
CA VAL A 602 -5.26 28.56 -20.04
C VAL A 602 -4.49 29.56 -19.19
N GLN A 603 -4.24 30.72 -19.79
CA GLN A 603 -3.68 31.86 -19.10
C GLN A 603 -4.53 32.24 -17.88
N VAL A 604 -3.88 32.70 -16.82
CA VAL A 604 -4.61 33.12 -15.62
C VAL A 604 -4.60 34.70 -15.57
N GLY A 605 -4.31 35.41 -14.48
CA GLY A 605 -4.10 36.88 -14.59
C GLY A 605 -2.77 37.33 -15.27
N GLU A 606 -2.41 36.76 -16.44
CA GLU A 606 -1.08 37.00 -17.10
C GLU A 606 -0.96 36.47 -18.55
N VAL A 607 0.24 36.52 -19.13
CA VAL A 607 0.42 36.37 -20.59
C VAL A 607 0.38 34.96 -21.21
N MET A 608 1.07 34.00 -20.57
CA MET A 608 1.13 32.62 -21.10
C MET A 608 0.61 31.60 -20.09
N PRO A 609 0.16 30.44 -20.57
CA PRO A 609 0.01 29.30 -19.68
C PRO A 609 1.33 28.95 -19.04
N PHE A 610 1.28 28.56 -17.77
CA PHE A 610 2.48 28.22 -17.02
C PHE A 610 3.15 26.94 -17.53
N ILE A 611 2.38 26.05 -18.12
CA ILE A 611 2.95 24.82 -18.67
C ILE A 611 4.08 25.16 -19.66
N ASP A 612 3.95 26.31 -20.32
CA ASP A 612 4.94 26.72 -21.29
C ASP A 612 6.27 27.02 -20.64
N GLU A 613 6.21 27.63 -19.48
CA GLU A 613 7.41 27.97 -18.75
C GLU A 613 8.06 26.73 -18.18
N ILE A 614 7.26 25.73 -17.82
CA ILE A 614 7.78 24.48 -17.25
C ILE A 614 8.48 23.70 -18.34
N LEU A 615 7.78 23.42 -19.43
CA LEU A 615 8.37 22.70 -20.56
C LEU A 615 9.65 23.38 -21.08
N ASN A 616 9.72 24.69 -21.00
CA ASN A 616 10.94 25.36 -21.42
C ASN A 616 12.12 25.24 -20.49
N ASN A 617 11.97 24.76 -19.25
CA ASN A 617 13.08 24.80 -18.32
C ASN A 617 13.24 23.51 -17.59
N ILE A 618 12.74 22.48 -18.24
CA ILE A 618 12.67 21.18 -17.68
C ILE A 618 14.03 20.67 -17.18
N ASN A 619 15.08 20.82 -17.98
CA ASN A 619 16.39 20.31 -17.58
C ASN A 619 16.93 21.12 -16.43
N THR A 620 16.78 22.43 -16.47
CA THR A 620 17.12 23.25 -15.32
C THR A 620 16.43 22.72 -14.07
N ILE A 621 15.18 22.30 -14.18
CA ILE A 621 14.42 21.91 -13.00
C ILE A 621 14.85 20.53 -12.49
N ILE A 622 14.93 19.57 -13.38
CA ILE A 622 15.13 18.21 -12.93
C ILE A 622 16.60 17.76 -12.88
N CYS A 623 17.52 18.61 -13.31
CA CYS A 623 18.91 18.16 -13.46
C CYS A 623 19.61 17.62 -12.21
N ASP A 624 19.12 17.91 -11.00
CA ASP A 624 19.69 17.29 -9.79
C ASP A 624 18.88 16.16 -9.17
N LEU A 625 17.76 15.80 -9.79
CA LEU A 625 16.93 14.70 -9.28
C LEU A 625 17.51 13.36 -9.71
N GLN A 626 17.05 12.31 -9.08
CA GLN A 626 17.45 10.98 -9.50
C GLN A 626 16.29 10.34 -10.27
N PRO A 627 16.58 9.24 -10.98
CA PRO A 627 15.55 8.62 -11.82
C PRO A 627 14.09 8.57 -11.23
N GLN A 628 13.95 7.98 -10.05
CA GLN A 628 12.63 7.83 -9.44
C GLN A 628 11.94 9.20 -9.35
N GLN A 629 12.69 10.25 -9.03
CA GLN A 629 12.14 11.62 -8.98
C GLN A 629 11.84 12.25 -10.33
N VAL A 630 12.69 11.99 -11.30
CA VAL A 630 12.39 12.46 -12.65
C VAL A 630 11.05 11.86 -13.15
N HIS A 631 10.82 10.58 -12.87
CA HIS A 631 9.60 9.94 -13.32
C HIS A 631 8.37 10.59 -12.72
N THR A 632 8.43 10.90 -11.43
CA THR A 632 7.31 11.59 -10.79
C THR A 632 7.13 12.96 -11.41
N PHE A 633 8.23 13.62 -11.73
CA PHE A 633 8.10 14.93 -12.32
C PHE A 633 7.41 14.79 -13.67
N TYR A 634 7.80 13.79 -14.44
CA TYR A 634 7.20 13.60 -15.75
C TYR A 634 5.71 13.28 -15.59
N GLU A 635 5.39 12.39 -14.65
CA GLU A 635 4.00 12.02 -14.48
C GLU A 635 3.19 13.27 -14.13
N ALA A 636 3.73 14.10 -13.25
CA ALA A 636 3.02 15.28 -12.79
C ALA A 636 2.69 16.18 -13.96
N VAL A 637 3.70 16.42 -14.80
CA VAL A 637 3.51 17.29 -15.98
C VAL A 637 2.54 16.63 -16.99
N GLY A 638 2.44 15.31 -17.02
CA GLY A 638 1.46 14.65 -17.87
C GLY A 638 0.02 15.11 -17.56
N TYR A 639 -0.35 15.04 -16.29
CA TYR A 639 -1.67 15.46 -15.88
C TYR A 639 -1.93 16.83 -16.44
N MET A 640 -0.99 17.75 -16.27
CA MET A 640 -1.19 19.11 -16.75
C MET A 640 -1.53 19.08 -18.24
N ILE A 641 -0.72 18.39 -19.02
CA ILE A 641 -0.90 18.32 -20.47
C ILE A 641 -2.22 17.64 -20.81
N GLY A 642 -2.55 16.59 -20.07
CA GLY A 642 -3.84 15.91 -20.22
C GLY A 642 -5.04 16.86 -20.16
N ALA A 643 -4.90 17.97 -19.46
CA ALA A 643 -5.97 18.92 -19.33
C ALA A 643 -6.13 19.85 -20.53
N GLN A 644 -5.18 19.83 -21.46
CA GLN A 644 -5.31 20.71 -22.62
C GLN A 644 -6.37 20.16 -23.59
N THR A 645 -7.52 20.83 -23.61
CA THR A 645 -8.66 20.35 -24.41
C THR A 645 -8.46 20.51 -25.91
N ASP A 646 -7.80 21.56 -26.34
CA ASP A 646 -7.49 21.72 -27.75
C ASP A 646 -6.45 20.70 -28.20
N GLN A 647 -6.84 19.82 -29.13
CA GLN A 647 -5.94 18.78 -29.61
C GLN A 647 -4.61 19.28 -30.22
N THR A 648 -4.66 20.29 -31.08
CA THR A 648 -3.40 20.74 -31.69
C THR A 648 -2.50 21.44 -30.69
N VAL A 649 -3.05 22.26 -29.82
CA VAL A 649 -2.21 22.86 -28.79
C VAL A 649 -1.60 21.73 -27.98
N GLN A 650 -2.39 20.68 -27.77
CA GLN A 650 -1.93 19.58 -26.96
C GLN A 650 -0.85 18.72 -27.63
N GLU A 651 -0.90 18.61 -28.96
CA GLU A 651 0.16 17.94 -29.69
C GLU A 651 1.51 18.63 -29.49
N HIS A 652 1.49 19.95 -29.59
CA HIS A 652 2.67 20.74 -29.41
C HIS A 652 3.24 20.59 -28.00
N LEU A 653 2.37 20.59 -27.00
CA LEU A 653 2.80 20.35 -25.61
C LEU A 653 3.48 19.00 -25.52
N ILE A 654 2.83 17.96 -26.01
CA ILE A 654 3.43 16.63 -25.86
C ILE A 654 4.81 16.56 -26.51
N GLU A 655 4.95 17.19 -27.67
CA GLU A 655 6.25 17.19 -28.34
C GLU A 655 7.33 17.84 -27.48
N LYS A 656 7.06 19.06 -27.02
CA LYS A 656 8.06 19.76 -26.20
C LYS A 656 8.37 18.94 -24.94
N TYR A 657 7.31 18.40 -24.34
CA TYR A 657 7.34 17.54 -23.15
C TYR A 657 8.26 16.34 -23.33
N MET A 658 8.24 15.76 -24.51
CA MET A 658 8.81 14.44 -24.69
C MET A 658 10.21 14.56 -25.34
N LEU A 659 10.62 15.80 -25.57
CA LEU A 659 11.80 16.14 -26.32
C LEU A 659 13.14 15.59 -25.77
N LEU A 660 13.42 15.73 -24.48
CA LEU A 660 14.67 15.19 -23.91
C LEU A 660 14.86 13.67 -24.09
N PRO A 661 13.89 12.85 -23.61
CA PRO A 661 14.16 11.43 -23.81
C PRO A 661 14.24 11.07 -25.30
N ASN A 662 13.49 11.79 -26.13
CA ASN A 662 13.56 11.57 -27.58
C ASN A 662 14.94 11.83 -28.20
N GLN A 663 15.67 12.80 -27.65
CA GLN A 663 17.03 13.09 -28.06
C GLN A 663 17.94 11.89 -27.84
N VAL A 664 17.90 11.31 -26.66
CA VAL A 664 18.77 10.21 -26.38
C VAL A 664 18.31 9.04 -27.22
N TRP A 665 17.00 8.79 -27.20
CA TRP A 665 16.38 7.77 -28.02
C TRP A 665 16.89 7.83 -29.46
N ASP A 666 16.69 8.98 -30.10
CA ASP A 666 17.10 9.18 -31.48
C ASP A 666 18.58 8.92 -31.73
N SER A 667 19.39 9.32 -30.76
CA SER A 667 20.81 9.13 -30.82
C SER A 667 21.11 7.64 -30.75
N ILE A 668 20.43 6.90 -29.87
CA ILE A 668 20.65 5.45 -29.77
C ILE A 668 20.24 4.77 -31.08
N ILE A 669 19.09 5.18 -31.61
CA ILE A 669 18.52 4.52 -32.80
C ILE A 669 19.45 4.73 -34.00
N GLN A 670 19.91 5.96 -34.18
CA GLN A 670 20.90 6.28 -35.19
C GLN A 670 22.13 5.37 -35.08
N GLN A 671 22.68 5.26 -33.86
CA GLN A 671 23.80 4.38 -33.67
C GLN A 671 23.46 2.94 -34.06
N ALA A 672 22.26 2.48 -33.70
CA ALA A 672 21.83 1.12 -34.04
C ALA A 672 21.76 0.87 -35.55
N THR A 673 21.20 1.84 -36.26
CA THR A 673 21.10 1.86 -37.71
C THR A 673 22.48 1.71 -38.40
N LYS A 674 23.44 2.52 -37.99
CA LYS A 674 24.81 2.38 -38.47
C LYS A 674 25.48 1.09 -38.00
N ASN A 675 25.27 0.70 -36.75
CA ASN A 675 25.82 -0.56 -36.25
C ASN A 675 24.95 -1.21 -35.18
N VAL A 676 24.32 -2.29 -35.59
CA VAL A 676 23.41 -3.09 -34.77
C VAL A 676 24.02 -3.53 -33.45
N ASP A 677 25.35 -3.63 -33.41
CA ASP A 677 26.03 -4.15 -32.22
C ASP A 677 25.92 -3.19 -31.03
N ILE A 678 25.63 -1.93 -31.33
CA ILE A 678 25.43 -0.93 -30.29
C ILE A 678 24.41 -1.41 -29.26
N LEU A 679 23.48 -2.25 -29.70
CA LEU A 679 22.42 -2.76 -28.86
C LEU A 679 22.90 -3.89 -27.94
N LYS A 680 24.17 -4.27 -28.03
CA LYS A 680 24.70 -5.25 -27.09
C LYS A 680 25.49 -4.53 -26.03
N ASP A 681 25.59 -3.21 -26.18
CA ASP A 681 26.35 -2.37 -25.24
C ASP A 681 25.65 -2.16 -23.88
N PRO A 682 26.28 -2.67 -22.79
CA PRO A 682 25.64 -2.60 -21.49
C PRO A 682 24.98 -1.28 -21.18
N GLU A 683 25.64 -0.14 -21.39
CA GLU A 683 25.08 1.18 -21.03
C GLU A 683 23.93 1.66 -21.91
N THR A 684 24.05 1.38 -23.22
CA THR A 684 23.01 1.73 -24.17
C THR A 684 21.70 1.03 -23.77
N VAL A 685 21.81 -0.23 -23.38
CA VAL A 685 20.66 -1.03 -22.99
C VAL A 685 20.04 -0.52 -21.69
N LYS A 686 20.90 0.00 -20.82
CA LYS A 686 20.42 0.56 -19.56
C LYS A 686 19.69 1.84 -19.87
N GLN A 687 20.17 2.59 -20.88
CA GLN A 687 19.53 3.84 -21.27
C GLN A 687 18.15 3.66 -21.89
N LEU A 688 18.03 2.70 -22.83
CA LEU A 688 16.76 2.37 -23.47
C LEU A 688 15.71 2.01 -22.41
N GLY A 689 16.11 1.19 -21.44
CA GLY A 689 15.29 0.91 -20.26
C GLY A 689 14.68 2.17 -19.64
N SER A 690 15.50 3.15 -19.33
CA SER A 690 14.95 4.33 -18.68
C SER A 690 14.21 5.26 -19.59
N ILE A 691 14.59 5.32 -20.86
CA ILE A 691 13.80 6.11 -21.80
C ILE A 691 12.39 5.52 -21.90
N LEU A 692 12.31 4.19 -22.00
CA LEU A 692 11.02 3.51 -21.95
C LEU A 692 10.26 3.79 -20.65
N LYS A 693 10.90 3.69 -19.49
CA LYS A 693 10.21 3.95 -18.23
C LYS A 693 9.67 5.37 -18.15
N THR A 694 10.42 6.35 -18.64
CA THR A 694 9.86 7.68 -18.73
C THR A 694 8.64 7.72 -19.67
N ASN A 695 8.71 7.02 -20.80
CA ASN A 695 7.56 6.97 -21.70
C ASN A 695 6.40 6.35 -20.99
N VAL A 696 6.63 5.24 -20.28
CA VAL A 696 5.53 4.57 -19.57
C VAL A 696 4.82 5.52 -18.60
N ARG A 697 5.63 6.27 -17.85
CA ARG A 697 5.10 7.18 -16.87
C ARG A 697 4.33 8.32 -17.48
N ALA A 698 4.85 8.95 -18.54
CA ALA A 698 4.13 10.03 -19.21
C ALA A 698 2.81 9.57 -19.85
N CYS A 699 2.85 8.36 -20.41
CA CYS A 699 1.71 7.79 -21.11
C CYS A 699 0.59 7.54 -20.11
N LYS A 700 0.95 6.90 -19.00
CA LYS A 700 0.03 6.74 -17.89
C LYS A 700 -0.68 8.05 -17.57
N ALA A 701 0.04 9.16 -17.47
CA ALA A 701 -0.61 10.39 -17.11
C ALA A 701 -1.44 10.95 -18.24
N VAL A 702 -0.94 10.83 -19.48
CA VAL A 702 -1.57 11.58 -20.58
C VAL A 702 -2.74 10.81 -21.18
N GLY A 703 -2.64 9.49 -21.17
CA GLY A 703 -3.65 8.66 -21.79
C GLY A 703 -3.64 8.70 -23.31
N HIS A 704 -4.82 8.75 -23.92
CA HIS A 704 -4.93 8.52 -25.34
C HIS A 704 -4.02 9.40 -26.18
N PRO A 705 -4.00 10.72 -25.93
CA PRO A 705 -3.27 11.59 -26.86
C PRO A 705 -1.77 11.30 -26.88
N PHE A 706 -1.27 10.54 -25.90
CA PHE A 706 0.14 10.15 -25.91
C PHE A 706 0.48 9.41 -27.18
N VAL A 707 -0.52 9.19 -28.00
CA VAL A 707 -0.34 8.45 -29.24
C VAL A 707 0.69 9.16 -30.16
N ILE A 708 0.61 10.50 -30.22
CA ILE A 708 1.52 11.27 -31.06
C ILE A 708 2.95 10.90 -30.70
N GLN A 709 3.19 10.63 -29.42
CA GLN A 709 4.48 10.13 -29.00
C GLN A 709 4.70 8.66 -29.33
N LEU A 710 3.83 7.79 -28.83
CA LEU A 710 4.01 6.35 -29.01
C LEU A 710 4.18 6.04 -30.50
N GLY A 711 3.39 6.74 -31.32
CA GLY A 711 3.46 6.59 -32.76
C GLY A 711 4.77 7.06 -33.33
N ARG A 712 5.34 8.13 -32.77
CA ARG A 712 6.69 8.58 -33.18
C ARG A 712 7.69 7.44 -33.06
N ILE A 713 7.70 6.71 -31.95
CA ILE A 713 8.78 5.78 -31.69
C ILE A 713 8.45 4.30 -31.95
N TYR A 714 7.22 4.01 -32.38
CA TYR A 714 6.65 2.66 -32.28
C TYR A 714 7.45 1.58 -33.03
N LEU A 715 7.66 1.79 -34.33
CA LEU A 715 8.35 0.80 -35.16
C LEU A 715 9.81 0.59 -34.77
N ASP A 716 10.55 1.67 -34.51
CA ASP A 716 11.89 1.58 -33.95
C ASP A 716 11.91 0.80 -32.64
N MET A 717 10.99 1.16 -31.76
CA MET A 717 10.92 0.55 -30.46
C MET A 717 10.70 -0.93 -30.63
N LEU A 718 9.78 -1.30 -31.52
CA LEU A 718 9.46 -2.70 -31.75
C LEU A 718 10.63 -3.41 -32.42
N ASN A 719 11.33 -2.69 -33.28
CA ASN A 719 12.53 -3.23 -33.92
C ASN A 719 13.63 -3.53 -32.89
N VAL A 720 13.79 -2.62 -31.92
CA VAL A 720 14.73 -2.80 -30.85
C VAL A 720 14.31 -4.04 -30.07
N TYR A 721 13.02 -4.19 -29.87
CA TYR A 721 12.47 -5.39 -29.25
C TYR A 721 12.92 -6.67 -29.95
N LYS A 722 12.79 -6.71 -31.28
CA LYS A 722 13.23 -7.90 -32.00
C LYS A 722 14.72 -8.15 -31.85
N CYS A 723 15.54 -7.13 -32.10
CA CYS A 723 16.98 -7.25 -31.93
C CYS A 723 17.42 -7.75 -30.57
N LEU A 724 16.85 -7.22 -29.50
CA LEU A 724 17.27 -7.63 -28.19
C LEU A 724 16.79 -9.04 -27.98
N SER A 725 15.65 -9.36 -28.60
CA SER A 725 15.11 -10.72 -28.48
C SER A 725 16.05 -11.73 -29.09
N GLU A 726 16.53 -11.41 -30.30
CA GLU A 726 17.52 -12.22 -31.01
C GLU A 726 18.81 -12.36 -30.23
N ASN A 727 19.20 -11.27 -29.57
CA ASN A 727 20.34 -11.29 -28.66
C ASN A 727 20.05 -12.27 -27.51
N ILE A 728 18.96 -12.04 -26.78
CA ILE A 728 18.69 -12.80 -25.57
C ILE A 728 18.72 -14.29 -25.90
N SER A 729 17.99 -14.70 -26.92
CA SER A 729 17.89 -16.13 -27.22
C SER A 729 19.22 -16.73 -27.69
N ALA A 730 19.92 -16.07 -28.60
CA ALA A 730 21.23 -16.57 -29.09
C ALA A 730 22.26 -16.66 -27.96
N ALA A 731 22.14 -15.80 -26.96
CA ALA A 731 22.95 -15.88 -25.75
C ALA A 731 22.66 -17.19 -25.01
N ILE A 732 21.37 -17.47 -24.80
CA ILE A 732 20.90 -18.72 -24.19
C ILE A 732 21.22 -19.96 -25.03
N GLN A 733 21.18 -19.83 -26.36
CA GLN A 733 21.50 -20.94 -27.28
C GLN A 733 23.00 -21.27 -27.35
N ALA A 734 23.81 -20.55 -26.58
CA ALA A 734 25.25 -20.79 -26.53
C ALA A 734 25.78 -20.93 -25.10
N ASN A 735 24.90 -20.86 -24.10
CA ASN A 735 25.27 -21.07 -22.69
C ASN A 735 24.11 -21.56 -21.83
N GLY A 736 22.89 -21.37 -22.33
CA GLY A 736 21.69 -21.88 -21.67
C GLY A 736 21.18 -21.10 -20.48
N GLU A 737 19.93 -21.39 -20.11
CA GLU A 737 19.23 -20.89 -18.91
C GLU A 737 20.01 -19.97 -17.95
N MET A 738 21.23 -20.37 -17.57
CA MET A 738 22.04 -19.61 -16.61
C MET A 738 22.34 -18.14 -17.03
N VAL A 739 22.31 -17.91 -18.35
CA VAL A 739 22.50 -16.58 -18.96
C VAL A 739 21.45 -15.58 -18.45
N THR A 740 20.26 -16.08 -18.13
CA THR A 740 19.21 -15.27 -17.48
C THR A 740 19.73 -14.69 -16.18
N LYS A 741 20.66 -15.39 -15.56
CA LYS A 741 21.21 -14.97 -14.29
C LYS A 741 22.06 -13.67 -14.50
N GLN A 742 22.79 -13.60 -15.63
CA GLN A 742 23.71 -12.49 -16.00
C GLN A 742 23.06 -11.10 -16.01
N PRO A 743 23.84 -10.04 -15.72
CA PRO A 743 23.19 -8.74 -15.58
C PRO A 743 22.81 -8.08 -16.90
N LEU A 744 23.61 -8.29 -17.95
CA LEU A 744 23.33 -7.72 -19.28
C LEU A 744 22.06 -8.33 -19.91
N ILE A 745 21.75 -9.58 -19.60
CA ILE A 745 20.50 -10.16 -20.04
C ILE A 745 19.32 -9.52 -19.30
N ARG A 746 19.38 -9.44 -17.98
CA ARG A 746 18.30 -8.80 -17.22
C ARG A 746 17.99 -7.43 -17.81
N SER A 747 19.04 -6.77 -18.28
CA SER A 747 18.98 -5.40 -18.76
C SER A 747 18.19 -5.31 -20.07
N MET A 748 18.47 -6.21 -21.00
CA MET A 748 17.71 -6.30 -22.26
C MET A 748 16.25 -6.62 -21.95
N ARG A 749 16.03 -7.60 -21.06
CA ARG A 749 14.68 -8.02 -20.68
C ARG A 749 13.82 -6.92 -20.09
N THR A 750 14.46 -5.94 -19.47
CA THR A 750 13.76 -4.75 -18.98
C THR A 750 13.26 -3.89 -20.13
N VAL A 751 14.04 -3.82 -21.22
CA VAL A 751 13.60 -3.11 -22.41
C VAL A 751 12.32 -3.78 -22.95
N LYS A 752 12.36 -5.09 -23.14
CA LYS A 752 11.20 -5.81 -23.63
C LYS A 752 10.01 -5.52 -22.72
N ARG A 753 10.21 -5.70 -21.42
CA ARG A 753 9.16 -5.47 -20.47
C ARG A 753 8.58 -4.05 -20.56
N GLU A 754 9.41 -3.03 -20.47
CA GLU A 754 8.90 -1.66 -20.51
C GLU A 754 8.27 -1.36 -21.87
N THR A 755 8.76 -2.00 -22.94
CA THR A 755 8.08 -1.92 -24.25
C THR A 755 6.60 -2.36 -24.13
N LEU A 756 6.41 -3.59 -23.70
CA LEU A 756 5.08 -4.14 -23.46
C LEU A 756 4.26 -3.28 -22.50
N LYS A 757 4.88 -2.84 -21.40
CA LYS A 757 4.12 -2.06 -20.43
C LYS A 757 3.64 -0.77 -21.05
N LEU A 758 4.52 -0.12 -21.81
CA LEU A 758 4.20 1.14 -22.49
C LEU A 758 3.01 0.94 -23.44
N ILE A 759 3.14 -0.01 -24.35
CA ILE A 759 2.03 -0.38 -25.24
C ILE A 759 0.72 -0.69 -24.47
N SER A 760 0.77 -1.63 -23.52
CA SER A 760 -0.34 -1.87 -22.58
C SER A 760 -0.93 -0.58 -22.03
N GLY A 761 -0.06 0.22 -21.46
CA GLY A 761 -0.44 1.43 -20.79
C GLY A 761 -1.23 2.32 -21.74
N TRP A 762 -0.74 2.45 -22.98
CA TRP A 762 -1.46 3.26 -23.95
C TRP A 762 -2.79 2.60 -24.35
N VAL A 763 -2.71 1.38 -24.92
CA VAL A 763 -3.91 0.70 -25.40
C VAL A 763 -5.07 0.79 -24.41
N SER A 764 -4.83 0.45 -23.13
CA SER A 764 -5.93 0.48 -22.13
C SER A 764 -6.49 1.87 -21.89
N ARG A 765 -5.67 2.89 -22.16
CA ARG A 765 -6.14 4.27 -22.08
C ARG A 765 -6.65 4.79 -23.41
N SER A 766 -6.59 3.94 -24.44
CA SER A 766 -6.87 4.38 -25.82
C SER A 766 -8.36 4.63 -26.11
N ASN A 767 -8.62 5.38 -27.16
CA ASN A 767 -9.95 5.87 -27.44
C ASN A 767 -10.25 5.88 -28.94
N ASP A 768 -9.92 4.78 -29.62
CA ASP A 768 -10.01 4.72 -31.07
C ASP A 768 -9.65 3.30 -31.46
N PRO A 769 -10.63 2.40 -31.38
CA PRO A 769 -10.27 0.99 -31.53
C PRO A 769 -9.86 0.65 -32.98
N GLN A 770 -10.44 1.31 -33.98
CA GLN A 770 -10.03 1.18 -35.39
C GLN A 770 -8.55 1.49 -35.57
N MET A 771 -8.11 2.61 -35.00
CA MET A 771 -6.71 2.97 -35.01
C MET A 771 -5.89 1.88 -34.36
N VAL A 772 -6.16 1.54 -33.11
CA VAL A 772 -5.40 0.48 -32.47
C VAL A 772 -5.39 -0.76 -33.35
N ALA A 773 -6.58 -1.21 -33.79
CA ALA A 773 -6.74 -2.44 -34.58
C ALA A 773 -5.93 -2.41 -35.88
N GLU A 774 -6.18 -1.40 -36.72
CA GLU A 774 -5.54 -1.36 -38.01
C GLU A 774 -4.11 -0.79 -38.03
N ASN A 775 -3.55 -0.47 -36.88
CA ASN A 775 -2.30 0.25 -36.91
C ASN A 775 -1.23 -0.10 -35.90
N PHE A 776 -1.63 -0.52 -34.71
CA PHE A 776 -0.67 -0.91 -33.69
C PHE A 776 -0.70 -2.40 -33.47
N VAL A 777 -1.85 -3.00 -33.74
CA VAL A 777 -2.00 -4.39 -33.41
C VAL A 777 -1.07 -5.28 -34.29
N PRO A 778 -1.17 -5.16 -35.63
CA PRO A 778 -0.29 -5.97 -36.50
C PRO A 778 1.22 -5.91 -36.14
N PRO A 779 1.85 -4.71 -36.17
CA PRO A 779 3.31 -4.69 -35.93
C PRO A 779 3.69 -5.30 -34.59
N LEU A 780 2.94 -4.98 -33.54
CA LEU A 780 3.07 -5.61 -32.23
C LEU A 780 3.13 -7.13 -32.37
N LEU A 781 2.05 -7.68 -32.92
CA LEU A 781 1.84 -9.10 -33.03
C LEU A 781 2.98 -9.76 -33.77
N ASP A 782 3.46 -9.11 -34.81
CA ASP A 782 4.62 -9.62 -35.49
C ASP A 782 5.82 -9.62 -34.56
N ALA A 783 6.04 -8.53 -33.84
CA ALA A 783 7.26 -8.40 -33.07
C ALA A 783 7.29 -9.33 -31.85
N VAL A 784 6.14 -9.73 -31.34
CA VAL A 784 6.13 -10.40 -30.03
C VAL A 784 5.70 -11.87 -29.97
N LEU A 785 4.79 -12.30 -30.84
CA LEU A 785 4.18 -13.61 -30.68
C LEU A 785 5.12 -14.80 -30.95
N ILE A 786 5.56 -14.95 -32.21
CA ILE A 786 6.48 -16.04 -32.57
C ILE A 786 7.72 -16.07 -31.63
N ASP A 787 8.31 -14.90 -31.40
CA ASP A 787 9.33 -14.73 -30.36
C ASP A 787 8.99 -15.47 -29.05
N TYR A 788 7.89 -15.10 -28.41
CA TYR A 788 7.41 -15.75 -27.19
C TYR A 788 7.37 -17.28 -27.33
N GLN A 789 6.89 -17.74 -28.48
CA GLN A 789 6.80 -19.15 -28.75
C GLN A 789 8.20 -19.78 -28.71
N ARG A 790 9.05 -19.43 -29.67
CA ARG A 790 10.38 -20.04 -29.82
C ARG A 790 11.34 -19.87 -28.63
N ASN A 791 11.08 -18.93 -27.75
CA ASN A 791 11.87 -18.80 -26.53
C ASN A 791 11.62 -19.94 -25.55
N VAL A 792 12.66 -20.32 -24.82
CA VAL A 792 12.55 -21.27 -23.72
C VAL A 792 11.71 -20.67 -22.59
N PRO A 793 11.10 -21.53 -21.75
CA PRO A 793 10.27 -21.05 -20.62
C PRO A 793 10.90 -19.94 -19.78
N ALA A 794 12.22 -19.95 -19.64
CA ALA A 794 12.89 -18.95 -18.80
C ALA A 794 12.93 -17.56 -19.46
N ALA A 795 13.02 -17.54 -20.79
CA ALA A 795 13.12 -16.32 -21.59
C ALA A 795 11.77 -15.78 -22.14
N ARG A 796 10.67 -16.05 -21.46
CA ARG A 796 9.39 -15.66 -21.97
C ARG A 796 8.78 -14.60 -21.11
N GLU A 797 8.55 -13.44 -21.70
CA GLU A 797 7.99 -12.30 -20.95
C GLU A 797 6.49 -12.49 -20.66
N PRO A 798 6.14 -12.55 -19.37
CA PRO A 798 4.75 -12.66 -18.94
C PRO A 798 3.86 -11.52 -19.46
N GLU A 799 4.47 -10.37 -19.72
CA GLU A 799 3.72 -9.20 -20.14
C GLU A 799 3.24 -9.33 -21.58
N VAL A 800 3.82 -10.27 -22.34
CA VAL A 800 3.27 -10.64 -23.64
C VAL A 800 1.80 -11.06 -23.44
N LEU A 801 1.56 -11.89 -22.44
CA LEU A 801 0.21 -12.32 -22.06
C LEU A 801 -0.72 -11.21 -21.56
N SER A 802 -0.23 -10.34 -20.68
CA SER A 802 -1.10 -9.29 -20.13
C SER A 802 -1.38 -8.20 -21.16
N THR A 803 -0.50 -8.10 -22.14
CA THR A 803 -0.63 -7.11 -23.21
C THR A 803 -1.65 -7.62 -24.23
N MET A 804 -1.57 -8.90 -24.59
CA MET A 804 -2.69 -9.53 -25.30
C MET A 804 -4.01 -9.32 -24.55
N ALA A 805 -4.03 -9.62 -23.26
CA ALA A 805 -5.22 -9.47 -22.44
C ALA A 805 -5.83 -8.08 -22.50
N ILE A 806 -4.99 -7.04 -22.44
CA ILE A 806 -5.49 -5.67 -22.43
C ILE A 806 -6.09 -5.28 -23.78
N ILE A 807 -5.35 -5.51 -24.85
CA ILE A 807 -5.84 -5.14 -26.17
C ILE A 807 -7.11 -5.93 -26.55
N VAL A 808 -7.23 -7.17 -26.07
CA VAL A 808 -8.50 -7.90 -26.17
C VAL A 808 -9.60 -7.17 -25.41
N ASN A 809 -9.41 -6.99 -24.11
CA ASN A 809 -10.43 -6.30 -23.31
C ASN A 809 -10.87 -4.98 -23.88
N LYS A 810 -10.00 -4.35 -24.66
CA LYS A 810 -10.30 -3.04 -25.14
C LYS A 810 -10.94 -3.04 -26.52
N LEU A 811 -10.62 -4.02 -27.37
CA LEU A 811 -11.08 -3.96 -28.76
C LEU A 811 -12.15 -4.98 -29.16
N GLY A 812 -12.31 -6.04 -28.36
CA GLY A 812 -13.23 -7.15 -28.63
C GLY A 812 -13.34 -7.53 -30.09
N GLY A 813 -14.51 -7.27 -30.68
CA GLY A 813 -14.81 -7.55 -32.07
C GLY A 813 -13.76 -7.07 -33.05
N HIS A 814 -13.13 -5.94 -32.73
CA HIS A 814 -12.09 -5.39 -33.58
C HIS A 814 -10.85 -6.26 -33.70
N ILE A 815 -10.65 -7.18 -32.77
CA ILE A 815 -9.53 -8.12 -32.94
C ILE A 815 -9.85 -9.58 -32.86
N THR A 816 -11.13 -9.93 -32.83
CA THR A 816 -11.51 -11.34 -32.80
C THR A 816 -10.78 -12.14 -33.88
N ALA A 817 -10.72 -11.58 -35.09
CA ALA A 817 -9.95 -12.13 -36.20
C ALA A 817 -8.50 -12.55 -35.88
N GLU A 818 -7.83 -11.83 -34.98
CA GLU A 818 -6.41 -12.11 -34.68
C GLU A 818 -6.20 -13.18 -33.61
N ILE A 819 -7.27 -13.60 -32.94
CA ILE A 819 -7.13 -14.50 -31.80
C ILE A 819 -6.46 -15.83 -32.15
N PRO A 820 -6.79 -16.41 -33.33
CA PRO A 820 -6.11 -17.63 -33.77
C PRO A 820 -4.60 -17.48 -33.80
N GLN A 821 -4.13 -16.45 -34.50
CA GLN A 821 -2.70 -16.09 -34.48
C GLN A 821 -2.08 -15.98 -33.07
N ILE A 822 -2.78 -15.28 -32.17
CA ILE A 822 -2.34 -15.11 -30.80
C ILE A 822 -2.26 -16.45 -30.05
N PHE A 823 -3.25 -17.32 -30.24
CA PHE A 823 -3.30 -18.60 -29.51
C PHE A 823 -2.31 -19.60 -30.09
N ASP A 824 -2.16 -19.57 -31.42
CA ASP A 824 -1.12 -20.34 -32.09
C ASP A 824 0.18 -20.24 -31.33
N ALA A 825 0.72 -19.02 -31.30
CA ALA A 825 2.02 -18.74 -30.71
C ALA A 825 2.00 -18.91 -29.21
N VAL A 826 0.92 -18.51 -28.57
CA VAL A 826 0.93 -18.25 -27.15
C VAL A 826 0.23 -19.27 -26.29
N PHE A 827 -0.87 -19.87 -26.77
CA PHE A 827 -1.76 -20.70 -25.90
C PHE A 827 -1.20 -22.01 -25.32
N GLU A 828 -0.75 -22.91 -26.18
CA GLU A 828 -0.23 -24.20 -25.72
C GLU A 828 0.99 -24.04 -24.79
N CYS A 829 2.12 -23.61 -25.36
CA CYS A 829 3.37 -23.45 -24.59
C CYS A 829 3.18 -22.78 -23.23
N THR A 830 2.32 -21.77 -23.15
CA THR A 830 2.09 -21.12 -21.86
C THR A 830 1.43 -22.07 -20.87
N LEU A 831 0.54 -22.92 -21.37
CA LEU A 831 -0.20 -23.86 -20.53
C LEU A 831 0.73 -24.92 -19.92
N ASN A 832 1.49 -25.62 -20.77
CA ASN A 832 2.58 -26.50 -20.31
C ASN A 832 3.32 -25.86 -19.12
N MET A 833 3.92 -24.70 -19.38
CA MET A 833 4.61 -23.90 -18.36
C MET A 833 3.92 -23.84 -16.98
N ILE A 834 2.60 -23.95 -16.94
CA ILE A 834 1.89 -23.87 -15.66
C ILE A 834 1.13 -25.14 -15.28
N ASN A 835 0.88 -26.01 -16.25
CA ASN A 835 0.03 -27.19 -16.05
C ASN A 835 0.57 -28.19 -15.01
N LYS A 836 1.86 -28.55 -15.12
CA LYS A 836 2.52 -29.36 -14.09
C LYS A 836 2.69 -28.50 -12.85
N ASP A 837 1.57 -28.21 -12.20
CA ASP A 837 1.43 -27.12 -11.24
C ASP A 837 2.79 -26.71 -10.72
N PHE A 838 3.32 -27.46 -9.75
CA PHE A 838 4.56 -27.10 -9.05
C PHE A 838 4.73 -25.58 -9.22
N GLU A 839 3.84 -24.83 -8.57
CA GLU A 839 3.73 -23.38 -8.78
C GLU A 839 5.07 -22.79 -9.27
N GLU A 840 5.14 -22.50 -10.56
CA GLU A 840 6.40 -22.09 -11.21
C GLU A 840 6.41 -20.65 -11.76
N TYR A 841 5.33 -20.22 -12.38
CA TYR A 841 5.33 -18.94 -13.02
C TYR A 841 4.10 -18.14 -12.65
N PRO A 842 3.97 -17.75 -11.38
CA PRO A 842 2.75 -17.14 -10.84
C PRO A 842 2.27 -15.99 -11.72
N GLU A 843 3.22 -15.23 -12.26
CA GLU A 843 2.91 -14.13 -13.16
C GLU A 843 2.27 -14.64 -14.45
N HIS A 844 2.85 -15.69 -15.03
CA HIS A 844 2.35 -16.27 -16.29
C HIS A 844 0.95 -16.89 -16.22
N ARG A 845 0.60 -17.47 -15.07
CA ARG A 845 -0.76 -18.01 -14.91
C ARG A 845 -1.76 -16.90 -14.63
N THR A 846 -1.45 -16.02 -13.67
CA THR A 846 -2.34 -14.88 -13.43
C THR A 846 -2.64 -14.16 -14.75
N ASN A 847 -1.68 -14.21 -15.67
CA ASN A 847 -1.83 -13.60 -16.98
C ASN A 847 -2.63 -14.48 -17.95
N PHE A 848 -2.12 -15.67 -18.25
CA PHE A 848 -2.82 -16.67 -19.05
C PHE A 848 -4.32 -16.60 -18.81
N PHE A 849 -4.72 -16.63 -17.54
CA PHE A 849 -6.13 -16.67 -17.22
C PHE A 849 -6.82 -15.34 -17.48
N LEU A 850 -6.11 -14.24 -17.25
CA LEU A 850 -6.65 -12.92 -17.59
C LEU A 850 -6.86 -12.80 -19.11
N LEU A 851 -5.98 -13.42 -19.90
CA LEU A 851 -6.15 -13.45 -21.33
C LEU A 851 -7.35 -14.31 -21.68
N LEU A 852 -7.37 -15.54 -21.14
CA LEU A 852 -8.47 -16.46 -21.40
C LEU A 852 -9.80 -15.80 -21.14
N GLN A 853 -9.95 -15.27 -19.94
CA GLN A 853 -11.17 -14.59 -19.51
C GLN A 853 -11.56 -13.46 -20.46
N ALA A 854 -10.56 -12.83 -21.09
CA ALA A 854 -10.80 -11.73 -22.02
C ALA A 854 -11.33 -12.25 -23.37
N VAL A 855 -10.62 -13.23 -23.93
CA VAL A 855 -11.06 -13.89 -25.16
C VAL A 855 -12.47 -14.41 -24.98
N ASN A 856 -12.70 -15.07 -23.84
CA ASN A 856 -14.01 -15.54 -23.47
C ASN A 856 -15.07 -14.44 -23.40
N SER A 857 -14.81 -13.37 -22.65
CA SER A 857 -15.77 -12.27 -22.52
C SER A 857 -16.06 -11.51 -23.80
N HIS A 858 -15.00 -11.11 -24.52
CA HIS A 858 -15.16 -10.16 -25.64
C HIS A 858 -14.96 -10.75 -27.02
N CYS A 859 -14.39 -11.94 -27.11
CA CYS A 859 -14.08 -12.49 -28.41
C CYS A 859 -14.60 -13.89 -28.68
N PHE A 860 -15.76 -14.23 -28.11
CA PHE A 860 -16.18 -15.63 -28.10
C PHE A 860 -16.10 -16.33 -29.46
N PRO A 861 -16.67 -15.70 -30.52
CA PRO A 861 -16.67 -16.33 -31.84
C PRO A 861 -15.36 -16.96 -32.23
N ALA A 862 -14.27 -16.54 -31.58
CA ALA A 862 -12.94 -17.02 -31.93
C ALA A 862 -12.77 -18.51 -31.60
N PHE A 863 -13.34 -18.93 -30.46
CA PHE A 863 -13.33 -20.33 -30.04
C PHE A 863 -13.85 -21.33 -31.08
N LEU A 864 -14.71 -20.86 -31.99
CA LEU A 864 -15.15 -21.69 -33.11
C LEU A 864 -14.13 -21.66 -34.25
N ALA A 865 -13.38 -20.58 -34.36
CA ALA A 865 -12.39 -20.42 -35.44
C ALA A 865 -11.10 -21.13 -35.11
N ILE A 866 -10.90 -21.51 -33.85
CA ILE A 866 -9.75 -22.32 -33.46
C ILE A 866 -10.09 -23.79 -33.66
N PRO A 867 -9.09 -24.61 -34.05
CA PRO A 867 -9.32 -26.05 -34.24
C PRO A 867 -9.74 -26.70 -32.92
N PRO A 868 -10.60 -27.74 -32.99
CA PRO A 868 -11.21 -28.40 -31.82
C PRO A 868 -10.16 -28.82 -30.80
N THR A 869 -9.04 -29.36 -31.28
CA THR A 869 -7.91 -29.80 -30.44
C THR A 869 -7.41 -28.68 -29.53
N GLN A 870 -7.44 -27.44 -30.02
CA GLN A 870 -7.11 -26.25 -29.21
C GLN A 870 -8.23 -25.80 -28.27
N PHE A 871 -9.48 -25.95 -28.72
CA PHE A 871 -10.61 -25.70 -27.83
C PHE A 871 -10.70 -26.74 -26.71
N LYS A 872 -10.35 -27.98 -27.04
CA LYS A 872 -10.16 -29.00 -26.01
C LYS A 872 -9.25 -28.45 -24.93
N LEU A 873 -8.08 -27.94 -25.36
CA LEU A 873 -7.06 -27.36 -24.48
C LEU A 873 -7.60 -26.22 -23.61
N VAL A 874 -8.38 -25.32 -24.24
CA VAL A 874 -9.00 -24.21 -23.50
C VAL A 874 -9.76 -24.79 -22.31
N LEU A 875 -10.47 -25.89 -22.55
CA LEU A 875 -11.28 -26.51 -21.51
C LEU A 875 -10.48 -27.17 -20.41
N ASP A 876 -9.49 -27.99 -20.80
CA ASP A 876 -8.52 -28.52 -19.84
C ASP A 876 -7.94 -27.40 -18.97
N SER A 877 -7.61 -26.29 -19.60
CA SER A 877 -7.02 -25.16 -18.90
C SER A 877 -8.00 -24.42 -17.99
N ILE A 878 -9.26 -24.32 -18.40
CA ILE A 878 -10.30 -23.71 -17.51
C ILE A 878 -10.56 -24.66 -16.36
N ILE A 879 -10.51 -25.95 -16.68
CA ILE A 879 -10.74 -27.02 -15.73
C ILE A 879 -9.67 -26.99 -14.62
N TRP A 880 -8.41 -26.89 -15.02
CA TRP A 880 -7.29 -26.76 -14.10
C TRP A 880 -7.50 -25.57 -13.16
N ALA A 881 -7.97 -24.46 -13.71
CA ALA A 881 -8.11 -23.20 -12.96
C ALA A 881 -9.07 -23.30 -11.78
N PHE A 882 -10.31 -23.74 -12.04
CA PHE A 882 -11.27 -23.85 -10.95
C PHE A 882 -10.99 -25.08 -10.08
N LYS A 883 -9.97 -25.84 -10.46
CA LYS A 883 -9.53 -27.01 -9.68
C LYS A 883 -8.38 -26.68 -8.71
N HIS A 884 -7.71 -25.53 -8.89
CA HIS A 884 -6.57 -25.11 -8.06
C HIS A 884 -6.94 -24.70 -6.60
N THR A 885 -5.93 -24.68 -5.72
CA THR A 885 -6.12 -24.47 -4.27
C THR A 885 -6.47 -23.02 -3.89
N MET A 886 -5.54 -22.12 -4.19
CA MET A 886 -5.63 -20.70 -3.88
C MET A 886 -6.91 -20.13 -4.50
N ARG A 887 -7.78 -19.58 -3.65
CA ARG A 887 -9.12 -19.09 -4.04
C ARG A 887 -9.18 -18.25 -5.32
N ASN A 888 -8.26 -17.28 -5.42
CA ASN A 888 -8.11 -16.38 -6.57
C ASN A 888 -8.18 -17.13 -7.91
N VAL A 889 -7.27 -18.09 -8.10
CA VAL A 889 -7.18 -18.90 -9.33
C VAL A 889 -8.45 -19.73 -9.57
N ALA A 890 -8.93 -20.39 -8.52
CA ALA A 890 -10.20 -21.13 -8.56
C ALA A 890 -11.31 -20.21 -9.06
N ASP A 891 -11.52 -19.11 -8.35
CA ASP A 891 -12.58 -18.13 -8.61
C ASP A 891 -12.62 -17.61 -10.05
N THR A 892 -11.43 -17.46 -10.64
CA THR A 892 -11.29 -17.00 -12.01
C THR A 892 -11.76 -18.12 -12.93
N GLY A 893 -11.25 -19.33 -12.72
CA GLY A 893 -11.63 -20.51 -13.51
C GLY A 893 -13.13 -20.75 -13.56
N LEU A 894 -13.78 -20.62 -12.41
CA LEU A 894 -15.23 -20.70 -12.31
C LEU A 894 -15.87 -19.65 -13.20
N GLN A 895 -15.42 -18.40 -13.04
CA GLN A 895 -15.99 -17.27 -13.76
C GLN A 895 -15.95 -17.49 -15.26
N ILE A 896 -14.83 -18.00 -15.77
CA ILE A 896 -14.68 -18.28 -17.19
C ILE A 896 -15.70 -19.34 -17.62
N LEU A 897 -15.72 -20.46 -16.89
CA LEU A 897 -16.63 -21.57 -17.14
C LEU A 897 -18.08 -21.09 -17.25
N PHE A 898 -18.54 -20.44 -16.18
CA PHE A 898 -19.90 -19.92 -16.12
C PHE A 898 -20.24 -19.03 -17.31
N THR A 899 -19.27 -18.24 -17.76
CA THR A 899 -19.48 -17.38 -18.92
C THR A 899 -19.44 -18.19 -20.22
N LEU A 900 -18.58 -19.19 -20.27
CA LEU A 900 -18.49 -20.05 -21.44
C LEU A 900 -19.83 -20.76 -21.66
N LEU A 901 -20.45 -21.15 -20.55
CA LEU A 901 -21.72 -21.82 -20.60
C LEU A 901 -22.75 -20.90 -21.22
N GLN A 902 -23.00 -19.77 -20.58
CA GLN A 902 -23.95 -18.78 -21.10
C GLN A 902 -23.69 -18.43 -22.56
N ASN A 903 -22.41 -18.39 -22.92
CA ASN A 903 -21.98 -17.98 -24.25
C ASN A 903 -22.21 -19.04 -25.31
N VAL A 904 -22.03 -20.31 -24.93
CA VAL A 904 -22.10 -21.43 -25.88
C VAL A 904 -23.55 -21.64 -26.32
N ALA A 905 -24.45 -21.36 -25.39
CA ALA A 905 -25.89 -21.32 -25.61
C ALA A 905 -26.31 -20.45 -26.80
N GLN A 906 -25.55 -19.37 -27.05
CA GLN A 906 -25.85 -18.42 -28.11
C GLN A 906 -25.66 -18.96 -29.52
N GLU A 907 -25.02 -20.12 -29.67
CA GLU A 907 -24.77 -20.67 -31.01
C GLU A 907 -25.26 -22.10 -31.16
N GLU A 908 -26.58 -22.24 -31.38
CA GLU A 908 -27.27 -23.55 -31.47
C GLU A 908 -26.51 -24.67 -32.20
N ALA A 909 -26.01 -24.38 -33.41
CA ALA A 909 -25.31 -25.38 -34.24
C ALA A 909 -24.23 -26.09 -33.45
N ALA A 910 -23.22 -25.31 -33.05
CA ALA A 910 -22.10 -25.82 -32.26
C ALA A 910 -22.41 -25.95 -30.75
N ALA A 911 -23.57 -25.44 -30.33
CA ALA A 911 -23.99 -25.63 -28.96
C ALA A 911 -24.09 -27.11 -28.70
N GLN A 912 -24.73 -27.82 -29.62
CA GLN A 912 -25.00 -29.23 -29.42
C GLN A 912 -23.74 -30.10 -29.42
N SER A 913 -22.83 -29.84 -30.37
CA SER A 913 -21.50 -30.47 -30.41
C SER A 913 -20.81 -30.39 -29.06
N PHE A 914 -20.77 -29.19 -28.50
CA PHE A 914 -20.14 -28.95 -27.21
C PHE A 914 -20.84 -29.78 -26.16
N TYR A 915 -22.16 -29.58 -26.00
CA TYR A 915 -22.93 -30.26 -24.98
C TYR A 915 -22.69 -31.78 -25.01
N GLN A 916 -22.83 -32.35 -26.20
CA GLN A 916 -22.62 -33.75 -26.40
C GLN A 916 -21.22 -34.14 -25.93
N THR A 917 -20.20 -33.41 -26.41
CA THR A 917 -18.79 -33.70 -26.10
C THR A 917 -18.35 -33.43 -24.65
N TYR A 918 -18.68 -32.27 -24.10
CA TYR A 918 -18.09 -31.91 -22.81
C TYR A 918 -19.04 -31.99 -21.65
N PHE A 919 -20.33 -31.82 -21.91
CA PHE A 919 -21.31 -31.50 -20.85
C PHE A 919 -21.15 -32.28 -19.55
N CYS A 920 -21.10 -33.61 -19.66
CA CYS A 920 -21.04 -34.51 -18.50
C CYS A 920 -19.75 -34.33 -17.73
N ASP A 921 -18.66 -34.44 -18.49
CA ASP A 921 -17.31 -34.32 -18.00
C ASP A 921 -17.10 -33.10 -17.11
N ILE A 922 -17.82 -32.02 -17.41
CA ILE A 922 -17.67 -30.78 -16.69
C ILE A 922 -18.30 -30.86 -15.29
N LEU A 923 -19.48 -31.50 -15.17
CA LEU A 923 -20.06 -31.73 -13.82
C LEU A 923 -19.17 -32.64 -13.03
N GLN A 924 -18.79 -33.74 -13.68
CA GLN A 924 -17.91 -34.74 -13.11
C GLN A 924 -16.82 -34.01 -12.36
N HIS A 925 -16.22 -33.04 -13.05
CA HIS A 925 -15.15 -32.19 -12.53
C HIS A 925 -15.61 -31.14 -11.52
N ILE A 926 -16.76 -30.51 -11.74
CA ILE A 926 -17.26 -29.50 -10.79
C ILE A 926 -17.71 -30.14 -9.49
N PHE A 927 -18.52 -31.19 -9.60
CA PHE A 927 -18.95 -31.96 -8.43
C PHE A 927 -17.74 -32.50 -7.70
N SER A 928 -16.76 -32.97 -8.47
CA SER A 928 -15.45 -33.38 -7.95
C SER A 928 -14.76 -32.29 -7.13
N VAL A 929 -15.16 -31.03 -7.32
CA VAL A 929 -14.59 -29.94 -6.52
C VAL A 929 -15.50 -29.58 -5.32
N VAL A 930 -16.79 -29.85 -5.47
CA VAL A 930 -17.75 -29.67 -4.39
C VAL A 930 -17.72 -30.86 -3.41
N THR A 931 -17.60 -32.06 -3.96
CA THR A 931 -17.63 -33.30 -3.18
C THR A 931 -16.35 -33.56 -2.37
N ASP A 932 -15.19 -33.17 -2.93
CA ASP A 932 -13.88 -33.53 -2.37
C ASP A 932 -13.57 -32.83 -1.06
N THR A 933 -12.47 -33.26 -0.43
CA THR A 933 -11.86 -32.55 0.68
C THR A 933 -11.84 -31.08 0.28
N SER A 934 -12.86 -30.36 0.74
CA SER A 934 -13.35 -29.17 0.04
C SER A 934 -12.63 -27.86 0.28
N HIS A 935 -12.02 -27.38 -0.79
CA HIS A 935 -11.73 -25.97 -0.97
C HIS A 935 -13.06 -25.34 -1.45
N THR A 936 -13.88 -24.92 -0.48
CA THR A 936 -15.23 -24.39 -0.73
C THR A 936 -15.25 -22.86 -0.92
N ALA A 937 -14.17 -22.35 -1.51
CA ALA A 937 -14.01 -20.93 -1.80
C ALA A 937 -15.26 -20.36 -2.51
N GLY A 938 -15.53 -20.88 -3.70
CA GLY A 938 -16.66 -20.43 -4.50
C GLY A 938 -17.87 -21.36 -4.48
N LEU A 939 -18.43 -21.58 -3.29
CA LEU A 939 -19.67 -22.35 -3.15
C LEU A 939 -20.79 -21.67 -3.96
N THR A 940 -20.97 -20.36 -3.75
CA THR A 940 -21.95 -19.56 -4.49
C THR A 940 -21.81 -19.68 -6.01
N MET A 941 -20.57 -19.83 -6.47
CA MET A 941 -20.32 -20.05 -7.88
C MET A 941 -20.81 -21.43 -8.30
N HIS A 942 -20.35 -22.46 -7.57
CA HIS A 942 -20.82 -23.83 -7.80
C HIS A 942 -22.33 -23.83 -7.97
N ALA A 943 -23.01 -23.23 -7.01
CA ALA A 943 -24.46 -23.10 -7.02
C ALA A 943 -24.99 -22.63 -8.37
N SER A 944 -24.51 -21.49 -8.85
CA SER A 944 -25.00 -20.87 -10.09
C SER A 944 -24.69 -21.73 -11.30
N ILE A 945 -23.50 -22.33 -11.30
CA ILE A 945 -23.05 -23.17 -12.39
C ILE A 945 -23.98 -24.38 -12.53
N LEU A 946 -24.10 -25.14 -11.45
CA LEU A 946 -24.90 -26.36 -11.43
C LEU A 946 -26.36 -26.06 -11.80
N ALA A 947 -26.91 -25.03 -11.15
CA ALA A 947 -28.28 -24.58 -11.43
C ALA A 947 -28.46 -24.39 -12.93
N TYR A 948 -27.58 -23.59 -13.53
CA TYR A 948 -27.59 -23.32 -14.96
C TYR A 948 -27.60 -24.64 -15.78
N MET A 949 -26.74 -25.57 -15.38
CA MET A 949 -26.51 -26.80 -16.13
C MET A 949 -27.68 -27.77 -16.02
N PHE A 950 -28.30 -27.76 -14.84
CA PHE A 950 -29.50 -28.55 -14.65
C PHE A 950 -30.57 -28.02 -15.60
N ASN A 951 -30.90 -26.72 -15.49
CA ASN A 951 -31.89 -26.13 -16.39
C ASN A 951 -31.78 -26.66 -17.81
N LEU A 952 -30.58 -26.72 -18.34
CA LEU A 952 -30.37 -27.14 -19.71
C LEU A 952 -31.11 -28.44 -20.06
N VAL A 953 -30.97 -29.43 -19.17
CA VAL A 953 -31.56 -30.78 -19.36
C VAL A 953 -33.05 -30.79 -19.03
N GLU A 954 -33.39 -30.14 -17.92
CA GLU A 954 -34.76 -29.97 -17.52
C GLU A 954 -35.55 -29.34 -18.67
N GLU A 955 -35.08 -28.18 -19.12
CA GLU A 955 -35.77 -27.38 -20.13
C GLU A 955 -35.58 -27.93 -21.58
N GLY A 956 -34.95 -29.09 -21.69
CA GLY A 956 -34.84 -29.81 -22.97
C GLY A 956 -33.98 -29.16 -24.03
N LYS A 957 -33.00 -28.37 -23.60
CA LYS A 957 -32.14 -27.58 -24.48
C LYS A 957 -31.01 -28.44 -25.04
N ILE A 958 -30.56 -29.44 -24.26
CA ILE A 958 -29.69 -30.48 -24.79
C ILE A 958 -30.56 -31.45 -25.61
N SER A 959 -30.61 -31.18 -26.92
CA SER A 959 -31.69 -31.68 -27.76
C SER A 959 -31.70 -33.20 -27.86
N THR A 960 -30.50 -33.76 -27.98
CA THR A 960 -30.31 -35.19 -28.11
C THR A 960 -29.82 -35.76 -26.79
N SER A 961 -29.91 -37.08 -26.66
CA SER A 961 -29.58 -37.76 -25.41
C SER A 961 -28.09 -37.88 -25.16
N LEU A 962 -27.72 -37.70 -23.89
CA LEU A 962 -26.35 -37.86 -23.45
C LEU A 962 -25.89 -39.35 -23.50
N ASN A 963 -26.70 -40.28 -23.04
CA ASN A 963 -26.40 -41.69 -23.27
C ASN A 963 -26.87 -42.13 -24.66
N PRO A 964 -25.95 -42.23 -25.63
CA PRO A 964 -26.44 -42.44 -27.00
C PRO A 964 -26.83 -43.89 -27.30
N GLY A 965 -26.51 -44.80 -26.38
CA GLY A 965 -26.86 -46.23 -26.56
C GLY A 965 -28.14 -46.64 -25.85
N ASN A 966 -28.40 -46.01 -24.70
CA ASN A 966 -29.64 -46.19 -23.93
C ASN A 966 -30.45 -44.88 -23.89
N PRO A 967 -30.94 -44.39 -25.07
CA PRO A 967 -31.55 -43.05 -25.04
C PRO A 967 -32.66 -42.90 -23.99
N VAL A 968 -32.64 -41.76 -23.31
CA VAL A 968 -33.51 -41.49 -22.18
C VAL A 968 -33.55 -39.97 -21.99
N ASN A 969 -34.73 -39.47 -21.63
CA ASN A 969 -34.85 -38.12 -21.12
C ASN A 969 -33.60 -37.72 -20.29
N ASN A 970 -32.85 -36.75 -20.81
CA ASN A 970 -31.61 -36.27 -20.18
C ASN A 970 -31.74 -35.86 -18.71
N GLN A 971 -32.91 -35.35 -18.30
CA GLN A 971 -33.14 -35.01 -16.88
C GLN A 971 -33.20 -36.24 -15.98
N ILE A 972 -33.58 -37.38 -16.55
CA ILE A 972 -33.57 -38.63 -15.80
C ILE A 972 -32.13 -39.12 -15.74
N PHE A 973 -31.50 -39.24 -16.91
CA PHE A 973 -30.09 -39.63 -17.03
C PHE A 973 -29.20 -38.87 -16.08
N LEU A 974 -29.40 -37.56 -15.99
CA LEU A 974 -28.60 -36.72 -15.11
C LEU A 974 -28.93 -36.97 -13.66
N GLN A 975 -30.22 -37.04 -13.36
CA GLN A 975 -30.70 -37.31 -12.02
C GLN A 975 -30.06 -38.58 -11.45
N GLU A 976 -29.84 -39.55 -12.33
CA GLU A 976 -29.21 -40.81 -11.98
C GLU A 976 -27.68 -40.68 -11.95
N TYR A 977 -27.11 -40.13 -13.02
CA TYR A 977 -25.66 -39.93 -13.17
C TYR A 977 -25.03 -39.13 -12.01
N VAL A 978 -25.80 -38.20 -11.46
CA VAL A 978 -25.37 -37.42 -10.29
C VAL A 978 -25.46 -38.27 -9.03
N ALA A 979 -26.62 -38.89 -8.81
CA ALA A 979 -26.84 -39.82 -7.70
C ALA A 979 -25.77 -40.90 -7.67
N ASN A 980 -25.47 -41.42 -8.86
CA ASN A 980 -24.38 -42.38 -9.10
C ASN A 980 -23.03 -41.85 -8.61
N LEU A 981 -22.70 -40.64 -9.05
CA LEU A 981 -21.43 -40.00 -8.73
C LEU A 981 -21.34 -39.64 -7.25
N LEU A 982 -22.47 -39.27 -6.66
CA LEU A 982 -22.57 -38.97 -5.24
C LEU A 982 -22.40 -40.21 -4.34
N LYS A 983 -23.15 -41.28 -4.64
CA LYS A 983 -23.08 -42.53 -3.87
C LYS A 983 -21.72 -43.21 -3.97
N SER A 984 -20.86 -42.71 -4.86
CA SER A 984 -19.49 -43.22 -5.04
C SER A 984 -18.48 -42.42 -4.23
N ALA A 985 -18.74 -41.12 -4.08
CA ALA A 985 -17.89 -40.23 -3.27
C ALA A 985 -18.24 -40.34 -1.78
N PHE A 986 -19.47 -40.77 -1.51
CA PHE A 986 -19.97 -40.98 -0.15
C PHE A 986 -20.59 -42.39 -0.05
N PRO A 987 -19.76 -43.45 0.12
CA PRO A 987 -20.32 -44.82 0.16
C PRO A 987 -21.11 -45.08 1.45
N HIS A 988 -20.86 -44.24 2.46
CA HIS A 988 -21.54 -44.30 3.75
C HIS A 988 -23.01 -43.86 3.64
N LEU A 989 -23.33 -43.07 2.62
CA LEU A 989 -24.63 -42.42 2.53
C LEU A 989 -25.75 -43.38 2.11
N GLN A 990 -26.89 -43.25 2.79
CA GLN A 990 -28.06 -44.10 2.53
C GLN A 990 -28.74 -43.75 1.22
N ASP A 991 -28.92 -44.77 0.38
CA ASP A 991 -29.43 -44.61 -0.98
C ASP A 991 -30.86 -44.05 -1.10
N ALA A 992 -31.49 -43.79 0.06
CA ALA A 992 -32.82 -43.19 0.11
C ALA A 992 -32.74 -41.66 0.15
N GLN A 993 -31.72 -41.15 0.85
CA GLN A 993 -31.45 -39.70 0.95
C GLN A 993 -30.94 -39.10 -0.36
N VAL A 994 -30.11 -39.87 -1.07
CA VAL A 994 -29.54 -39.48 -2.36
C VAL A 994 -30.66 -39.15 -3.34
N LYS A 995 -31.51 -40.14 -3.62
CA LYS A 995 -32.68 -39.98 -4.50
C LYS A 995 -33.51 -38.74 -4.15
N LEU A 996 -33.87 -38.60 -2.87
CA LEU A 996 -34.68 -37.46 -2.42
C LEU A 996 -33.97 -36.11 -2.59
N PHE A 997 -32.66 -36.07 -2.37
CA PHE A 997 -31.91 -34.82 -2.47
C PHE A 997 -31.70 -34.37 -3.93
N VAL A 998 -31.34 -35.30 -4.79
CA VAL A 998 -31.21 -35.05 -6.22
C VAL A 998 -32.56 -34.67 -6.84
N THR A 999 -33.66 -35.14 -6.25
CA THR A 999 -35.01 -34.70 -6.63
C THR A 999 -35.23 -33.23 -6.24
N GLY A 1000 -34.86 -32.89 -5.01
CA GLY A 1000 -35.01 -31.53 -4.49
C GLY A 1000 -34.28 -30.48 -5.31
N LEU A 1001 -33.09 -30.84 -5.80
CA LEU A 1001 -32.25 -29.91 -6.56
C LEU A 1001 -32.92 -29.39 -7.84
N PHE A 1002 -33.26 -30.29 -8.76
CA PHE A 1002 -33.83 -29.92 -10.06
C PHE A 1002 -35.15 -29.16 -9.94
N SER A 1003 -35.88 -29.40 -8.84
CA SER A 1003 -37.11 -28.66 -8.54
C SER A 1003 -36.80 -27.33 -7.82
N LEU A 1004 -35.53 -26.89 -7.92
CA LEU A 1004 -35.07 -25.62 -7.36
C LEU A 1004 -34.09 -24.92 -8.31
N ASN A 1005 -34.11 -25.33 -9.57
CA ASN A 1005 -33.18 -24.85 -10.58
C ASN A 1005 -33.40 -23.38 -11.02
N GLN A 1006 -34.62 -23.03 -11.42
CA GLN A 1006 -34.94 -21.64 -11.83
C GLN A 1006 -34.98 -20.64 -10.67
N ASP A 1007 -34.31 -20.98 -9.57
CA ASP A 1007 -34.16 -20.11 -8.41
C ASP A 1007 -32.81 -20.39 -7.78
N ILE A 1008 -32.00 -19.36 -7.59
CA ILE A 1008 -30.59 -19.56 -7.20
C ILE A 1008 -30.33 -19.49 -5.67
N PRO A 1009 -30.86 -18.47 -4.97
CA PRO A 1009 -30.58 -18.43 -3.52
C PRO A 1009 -31.02 -19.70 -2.77
N ALA A 1010 -32.22 -20.19 -3.04
CA ALA A 1010 -32.74 -21.40 -2.40
C ALA A 1010 -32.00 -22.66 -2.86
N PHE A 1011 -31.61 -22.68 -4.14
CA PHE A 1011 -30.79 -23.76 -4.68
C PHE A 1011 -29.44 -23.81 -3.98
N LYS A 1012 -28.99 -22.65 -3.48
CA LYS A 1012 -27.73 -22.56 -2.73
C LYS A 1012 -27.90 -23.16 -1.33
N GLU A 1013 -28.89 -22.65 -0.59
CA GLU A 1013 -29.19 -23.14 0.78
C GLU A 1013 -29.49 -24.63 0.82
N HIS A 1014 -30.17 -25.13 -0.21
CA HIS A 1014 -30.46 -26.55 -0.34
C HIS A 1014 -29.17 -27.38 -0.43
N LEU A 1015 -28.22 -26.92 -1.24
CA LEU A 1015 -26.97 -27.65 -1.47
C LEU A 1015 -26.00 -27.57 -0.28
N ARG A 1016 -25.84 -26.38 0.29
CA ARG A 1016 -25.00 -26.23 1.48
C ARG A 1016 -25.54 -27.06 2.64
N ASP A 1017 -26.87 -27.16 2.73
CA ASP A 1017 -27.54 -27.95 3.77
C ASP A 1017 -27.28 -29.45 3.65
N PHE A 1018 -27.13 -29.94 2.42
CA PHE A 1018 -26.63 -31.29 2.19
C PHE A 1018 -25.29 -31.40 2.88
N LEU A 1019 -24.41 -30.45 2.59
CA LEU A 1019 -23.07 -30.45 3.12
C LEU A 1019 -23.04 -30.04 4.59
N VAL A 1020 -24.08 -29.35 5.05
CA VAL A 1020 -24.23 -29.01 6.47
C VAL A 1020 -24.41 -30.30 7.28
N GLN A 1021 -25.46 -31.08 6.97
CA GLN A 1021 -25.75 -32.32 7.69
C GLN A 1021 -24.73 -33.45 7.43
N ILE A 1022 -24.00 -33.36 6.31
CA ILE A 1022 -23.03 -34.40 5.93
C ILE A 1022 -21.60 -34.08 6.36
N LYS A 1023 -21.35 -32.83 6.75
CA LYS A 1023 -20.10 -32.44 7.39
C LYS A 1023 -20.23 -32.43 8.93
N GLU A 1024 -21.46 -32.63 9.42
CA GLU A 1024 -21.71 -32.82 10.85
C GLU A 1024 -21.59 -34.29 11.23
N PHE A 1025 -21.67 -35.16 10.21
CA PHE A 1025 -21.19 -36.54 10.33
C PHE A 1025 -19.66 -36.56 10.17
N ALA A 1026 -19.08 -35.37 10.01
CA ALA A 1026 -17.64 -35.15 10.10
C ALA A 1026 -17.36 -34.23 11.30
N GLY A 1027 -16.94 -32.99 11.04
CA GLY A 1027 -16.67 -32.04 12.12
C GLY A 1027 -16.33 -30.60 11.76
N GLU A 1028 -15.02 -30.33 11.65
CA GLU A 1028 -14.46 -28.97 11.66
C GLU A 1028 -14.98 -28.00 10.58
N ASP A 1029 -15.78 -28.50 9.65
CA ASP A 1029 -16.18 -27.77 8.44
C ASP A 1029 -16.95 -26.45 8.69
N THR A 1030 -18.14 -26.55 9.29
CA THR A 1030 -19.10 -25.44 9.48
C THR A 1030 -18.74 -24.05 8.90
N SER A 1031 -17.73 -23.39 9.48
CA SER A 1031 -17.38 -22.00 9.12
C SER A 1031 -16.81 -21.78 7.71
N ASP A 1032 -16.38 -22.87 7.06
CA ASP A 1032 -15.88 -22.81 5.68
C ASP A 1032 -16.99 -22.50 4.65
N LEU A 1033 -18.07 -23.28 4.70
CA LEU A 1033 -19.23 -23.08 3.81
C LEU A 1033 -19.99 -21.80 4.18
N PHE A 1034 -19.94 -21.49 5.47
CA PHE A 1034 -20.56 -20.29 6.03
C PHE A 1034 -19.76 -19.01 5.66
N LEU A 1035 -18.48 -19.19 5.34
CA LEU A 1035 -17.54 -18.09 4.97
C LEU A 1035 -18.04 -17.15 3.87
N GLU A 1036 -18.79 -17.71 2.91
CA GLU A 1036 -19.35 -16.99 1.76
C GLU A 1036 -20.33 -15.89 2.18
N GLU A 1037 -21.33 -16.28 2.96
CA GLU A 1037 -22.34 -15.37 3.49
C GLU A 1037 -21.67 -14.23 4.29
N ARG A 1038 -20.72 -14.59 5.15
CA ARG A 1038 -20.00 -13.67 6.06
C ARG A 1038 -19.49 -12.40 5.39
N GLU A 1039 -18.74 -12.57 4.32
CA GLU A 1039 -18.15 -11.47 3.56
C GLU A 1039 -19.20 -10.51 3.01
N ILE A 1040 -20.32 -11.05 2.51
CA ILE A 1040 -21.41 -10.23 1.99
C ILE A 1040 -22.21 -9.46 3.08
N ALA A 1041 -21.71 -9.50 4.32
CA ALA A 1041 -22.21 -8.67 5.42
C ALA A 1041 -21.23 -7.57 5.79
N LEU A 1042 -19.94 -7.84 5.56
CA LEU A 1042 -18.87 -6.83 5.72
C LEU A 1042 -19.02 -5.74 4.66
N ARG A 1043 -19.31 -6.14 3.43
CA ARG A 1043 -19.47 -5.20 2.31
C ARG A 1043 -20.80 -4.44 2.32
N GLN A 1044 -21.71 -4.82 3.21
CA GLN A 1044 -22.92 -4.04 3.46
C GLN A 1044 -22.67 -3.07 4.60
N ALA A 1045 -21.81 -3.50 5.53
CA ALA A 1045 -21.30 -2.64 6.61
C ALA A 1045 -20.35 -1.56 6.08
N ASP A 1046 -19.59 -1.92 5.04
CA ASP A 1046 -18.72 -0.98 4.33
C ASP A 1046 -19.54 0.00 3.49
N GLU A 1047 -20.54 -0.52 2.78
CA GLU A 1047 -21.39 0.27 1.89
C GLU A 1047 -22.31 1.26 2.63
N GLU A 1048 -22.80 0.87 3.81
CA GLU A 1048 -23.58 1.79 4.64
C GLU A 1048 -22.69 2.83 5.33
N LYS A 1049 -21.49 2.41 5.76
CA LYS A 1049 -20.49 3.33 6.32
C LYS A 1049 -20.02 4.32 5.26
N HIS A 1050 -19.40 3.79 4.21
CA HIS A 1050 -18.80 4.56 3.12
C HIS A 1050 -19.75 5.56 2.44
N LYS A 1051 -21.05 5.24 2.42
CA LYS A 1051 -22.04 6.09 1.76
C LYS A 1051 -22.66 7.09 2.73
N ARG A 1052 -22.48 6.85 4.02
CA ARG A 1052 -22.90 7.81 5.05
C ARG A 1052 -21.89 8.96 5.12
N GLN A 1053 -20.65 8.65 4.76
CA GLN A 1053 -19.54 9.63 4.72
C GLN A 1053 -19.71 10.69 3.61
N MET A 1054 -20.56 10.41 2.62
CA MET A 1054 -20.74 11.32 1.47
C MET A 1054 -21.41 12.64 1.86
N SER A 1055 -22.31 12.57 2.85
CA SER A 1055 -23.04 13.73 3.38
C SER A 1055 -22.17 14.67 4.23
N VAL A 1056 -21.01 14.18 4.68
CA VAL A 1056 -20.09 14.94 5.54
C VAL A 1056 -19.01 15.63 4.71
N PRO A 1057 -19.09 16.97 4.56
CA PRO A 1057 -18.05 17.69 3.83
C PRO A 1057 -16.70 17.61 4.55
N GLY A 1058 -15.69 17.09 3.86
CA GLY A 1058 -14.35 17.02 4.42
C GLY A 1058 -13.91 15.68 4.95
N ILE A 1059 -14.84 14.74 5.02
CA ILE A 1059 -14.53 13.40 5.53
C ILE A 1059 -13.92 12.52 4.44
N PHE A 1060 -14.19 12.89 3.19
CA PHE A 1060 -13.70 12.15 2.02
C PHE A 1060 -12.65 12.96 1.22
N ASN A 1061 -12.80 14.29 1.19
CA ASN A 1061 -11.94 15.22 0.43
C ASN A 1061 -10.42 15.15 0.78
N PRO A 1062 -9.60 15.94 0.28
N SER B 1 -2.52 40.77 1.74
CA SER B 1 -2.56 39.57 2.64
C SER B 1 -2.30 38.27 1.91
N MET B 2 -3.04 38.03 0.85
CA MET B 2 -2.75 36.98 -0.09
C MET B 2 -1.51 37.38 -0.92
N GLU B 3 -1.31 38.68 -1.15
CA GLU B 3 -0.07 39.12 -1.81
C GLU B 3 1.08 39.02 -0.81
N GLU B 4 0.77 39.38 0.42
CA GLU B 4 1.73 39.30 1.49
C GLU B 4 2.17 37.85 1.73
N LEU B 5 1.26 36.90 1.56
CA LEU B 5 1.53 35.49 1.76
C LEU B 5 2.45 34.91 0.69
N SER B 6 2.13 35.16 -0.57
CA SER B 6 2.98 34.75 -1.67
C SER B 6 4.38 35.31 -1.54
N GLN B 7 4.49 36.61 -1.32
CA GLN B 7 5.79 37.25 -1.18
C GLN B 7 6.57 36.57 -0.07
N ALA B 8 5.90 36.24 1.02
CA ALA B 8 6.58 35.66 2.15
C ALA B 8 7.10 34.30 1.77
N LEU B 9 6.32 33.56 1.00
CA LEU B 9 6.67 32.20 0.71
C LEU B 9 7.72 32.16 -0.39
N ALA B 10 7.66 33.12 -1.32
CA ALA B 10 8.65 33.14 -2.40
C ALA B 10 9.98 33.55 -1.80
N SER B 11 10.01 34.64 -1.05
CA SER B 11 11.27 35.24 -0.76
C SER B 11 11.84 34.89 0.60
N SER B 12 11.07 34.24 1.47
CA SER B 12 11.62 33.89 2.80
C SER B 12 11.40 32.48 3.29
N PHE B 13 11.77 31.52 2.44
CA PHE B 13 11.43 30.16 2.70
C PHE B 13 12.54 29.31 2.10
N SER B 14 13.52 28.97 2.93
CA SER B 14 14.70 28.28 2.44
C SER B 14 15.26 27.26 3.46
N VAL B 15 15.67 26.09 2.99
CA VAL B 15 16.22 25.10 3.89
C VAL B 15 17.70 25.34 4.11
N SER B 16 18.47 25.57 3.06
CA SER B 16 19.85 25.99 3.30
C SER B 16 19.99 27.37 2.76
N GLN B 17 20.26 28.32 3.61
CA GLN B 17 20.09 29.70 3.19
C GLN B 17 21.29 30.17 2.36
N ASP B 18 21.43 29.65 1.15
CA ASP B 18 22.50 30.01 0.28
C ASP B 18 22.28 31.37 -0.35
N LEU B 19 23.32 32.20 -0.30
CA LEU B 19 23.25 33.49 -0.91
C LEU B 19 23.22 33.32 -2.40
N ASN B 20 22.50 34.21 -3.06
CA ASN B 20 22.30 34.11 -4.49
C ASN B 20 22.23 32.72 -5.08
N SER B 21 21.54 31.79 -4.44
CA SER B 21 21.43 30.42 -4.96
C SER B 21 20.89 30.32 -6.38
N THR B 22 21.48 29.42 -7.16
CA THR B 22 21.00 29.15 -8.50
C THR B 22 19.88 28.10 -8.50
N ALA B 23 19.29 27.85 -7.33
CA ALA B 23 18.14 26.96 -7.30
C ALA B 23 16.90 27.82 -7.56
N ALA B 24 17.07 29.12 -7.35
CA ALA B 24 16.03 30.10 -7.62
C ALA B 24 16.55 30.86 -8.80
N PRO B 25 15.69 31.65 -9.45
CA PRO B 25 16.17 32.37 -10.62
C PRO B 25 17.17 33.47 -10.25
N HIS B 26 17.96 33.88 -11.21
CA HIS B 26 18.84 35.03 -11.04
C HIS B 26 18.04 36.17 -10.38
N PRO B 27 18.55 36.77 -9.29
CA PRO B 27 17.91 37.92 -8.64
C PRO B 27 17.51 39.04 -9.63
N ARG B 28 18.30 39.21 -10.67
CA ARG B 28 18.02 40.15 -11.72
C ARG B 28 16.73 39.80 -12.49
N LEU B 29 16.12 38.64 -12.21
CA LEU B 29 14.91 38.21 -12.93
C LEU B 29 13.78 37.85 -12.02
N SER B 30 13.95 38.01 -10.72
CA SER B 30 12.88 37.68 -9.78
C SER B 30 11.97 38.86 -9.57
N GLN B 31 10.67 38.60 -9.53
CA GLN B 31 9.79 39.70 -9.13
C GLN B 31 9.85 40.03 -7.63
N TYR B 32 10.17 39.02 -6.82
CA TYR B 32 10.42 39.21 -5.41
C TYR B 32 11.92 39.23 -5.11
N LYS B 33 12.36 40.11 -4.20
CA LYS B 33 13.74 40.03 -3.69
C LYS B 33 13.81 39.12 -2.46
N SER B 34 14.58 38.03 -2.53
CA SER B 34 14.79 37.17 -1.34
C SER B 34 15.63 37.91 -0.38
N LYS B 35 15.54 37.48 0.87
CA LYS B 35 16.53 37.88 1.82
C LYS B 35 17.78 37.08 1.56
N TYR B 36 17.68 36.08 0.70
CA TYR B 36 18.85 35.27 0.32
C TYR B 36 19.53 35.76 -0.97
N SER B 37 19.06 36.87 -1.50
CA SER B 37 19.76 37.55 -2.56
C SER B 37 20.66 38.58 -1.93
N SER B 38 21.82 38.81 -2.54
CA SER B 38 22.71 39.87 -2.11
C SER B 38 23.34 40.41 -3.36
N LEU B 39 23.12 41.69 -3.65
CA LEU B 39 23.73 42.32 -4.81
C LEU B 39 25.25 42.48 -4.62
N GLU B 40 25.73 42.13 -3.43
CA GLU B 40 27.14 42.23 -3.11
C GLU B 40 27.90 40.91 -3.16
N GLN B 41 29.05 40.91 -3.81
CA GLN B 41 29.86 39.70 -3.92
C GLN B 41 31.34 39.90 -3.71
N SER B 42 31.89 41.05 -4.13
CA SER B 42 33.33 41.29 -4.00
C SER B 42 33.84 41.21 -2.59
N GLU B 43 33.23 41.96 -1.67
CA GLU B 43 33.70 41.88 -0.28
C GLU B 43 33.78 40.42 0.20
N ARG B 44 32.73 39.63 -0.08
CA ARG B 44 32.69 38.25 0.40
C ARG B 44 33.76 37.40 -0.27
N ARG B 45 34.01 37.69 -1.55
CA ARG B 45 35.11 37.06 -2.28
C ARG B 45 36.48 37.42 -1.70
N ARG B 46 36.72 38.70 -1.42
CA ARG B 46 38.02 39.12 -0.91
C ARG B 46 38.26 38.39 0.40
N ARG B 47 37.21 38.40 1.22
CA ARG B 47 37.20 37.80 2.53
C ARG B 47 37.53 36.30 2.47
N LEU B 48 37.00 35.61 1.46
CA LEU B 48 37.24 34.18 1.33
C LEU B 48 38.63 33.85 0.83
N LEU B 49 39.18 34.69 -0.06
CA LEU B 49 40.52 34.45 -0.57
C LEU B 49 41.56 34.64 0.54
N GLU B 50 41.34 35.65 1.37
CA GLU B 50 42.10 35.81 2.60
C GLU B 50 42.07 34.50 3.41
N LEU B 51 40.89 33.99 3.69
CA LEU B 51 40.76 32.79 4.51
C LEU B 51 41.47 31.58 3.96
N GLN B 52 41.35 31.36 2.65
CA GLN B 52 42.03 30.28 1.95
C GLN B 52 43.53 30.28 2.20
N LYS B 53 44.11 31.47 2.23
CA LYS B 53 45.55 31.68 2.36
C LYS B 53 46.15 30.93 3.54
N SER B 54 45.41 30.90 4.65
CA SER B 54 45.87 30.22 5.85
C SER B 54 45.13 28.89 6.04
N LYS B 55 45.50 27.90 5.23
CA LYS B 55 44.79 26.62 5.17
C LYS B 55 44.79 25.83 6.47
N ARG B 56 43.63 25.81 7.10
CA ARG B 56 43.48 25.14 8.40
C ARG B 56 42.39 24.05 8.36
N LEU B 57 42.41 23.22 7.32
CA LEU B 57 41.66 21.94 7.27
C LEU B 57 42.33 20.92 6.36
N ASP B 58 42.80 19.84 6.97
CA ASP B 58 43.53 18.79 6.27
C ASP B 58 42.66 18.13 5.19
N TYR B 59 43.16 18.16 3.97
CA TYR B 59 42.41 17.66 2.81
C TYR B 59 42.97 16.34 2.28
N VAL B 60 44.28 16.14 2.44
CA VAL B 60 44.95 14.88 2.05
C VAL B 60 44.15 13.68 2.52
N ASN B 61 43.65 13.76 3.77
CA ASN B 61 42.86 12.68 4.33
C ASN B 61 41.43 12.64 3.82
N HIS B 62 40.87 13.80 3.49
CA HIS B 62 39.53 13.83 2.90
C HIS B 62 39.54 13.08 1.58
N ALA B 63 40.56 13.34 0.76
CA ALA B 63 40.69 12.69 -0.53
C ALA B 63 40.68 11.17 -0.38
N ARG B 64 41.45 10.65 0.59
CA ARG B 64 41.46 9.19 0.79
C ARG B 64 40.17 8.69 1.46
N ARG B 65 39.65 9.43 2.43
CA ARG B 65 38.33 9.09 2.99
C ARG B 65 37.35 8.76 1.87
N LEU B 66 37.24 9.66 0.90
CA LEU B 66 36.35 9.45 -0.24
C LEU B 66 36.74 8.25 -1.10
N ALA B 67 37.91 7.66 -0.81
CA ALA B 67 38.38 6.47 -1.52
C ALA B 67 38.40 5.23 -0.62
N LEU B 95 33.65 20.87 6.91
CA LEU B 95 33.99 19.90 5.87
C LEU B 95 32.93 18.78 5.86
N PRO B 96 32.45 18.37 4.66
CA PRO B 96 31.20 17.56 4.60
C PRO B 96 31.39 16.04 4.80
N LYS B 97 30.33 15.37 5.26
CA LYS B 97 30.35 13.99 5.78
C LYS B 97 30.61 12.88 4.73
N HIS B 98 29.55 12.24 4.23
CA HIS B 98 29.69 11.15 3.24
C HIS B 98 29.88 11.70 1.81
N TYR B 99 29.10 11.22 0.85
CA TYR B 99 29.21 11.61 -0.56
C TYR B 99 28.35 12.80 -1.00
N ALA B 100 27.63 13.42 -0.08
CA ALA B 100 26.81 14.60 -0.41
C ALA B 100 27.57 15.94 -0.31
N ASN B 101 27.09 16.91 -1.08
CA ASN B 101 27.71 18.22 -1.23
C ASN B 101 29.21 18.26 -1.06
N GLN B 102 29.88 17.78 -2.10
CA GLN B 102 31.34 17.72 -2.20
C GLN B 102 31.81 18.63 -3.32
N LEU B 103 30.90 19.02 -4.22
CA LEU B 103 31.21 19.93 -5.31
C LEU B 103 31.16 21.45 -4.97
N MET B 104 32.09 22.19 -5.58
CA MET B 104 32.14 23.62 -5.34
C MET B 104 31.10 24.23 -6.25
N LEU B 105 30.05 24.81 -5.67
CA LEU B 105 28.94 25.35 -6.46
C LEU B 105 28.89 26.88 -6.53
N SER B 106 28.64 27.41 -7.73
CA SER B 106 28.69 28.86 -7.92
C SER B 106 27.45 29.60 -7.41
N GLU B 107 27.59 30.85 -7.00
CA GLU B 107 26.43 31.74 -6.92
C GLU B 107 26.09 32.18 -8.32
N TRP B 108 24.93 32.78 -8.51
CA TRP B 108 24.64 33.49 -9.75
C TRP B 108 25.68 34.60 -9.83
N LEU B 109 26.18 34.91 -11.04
CA LEU B 109 27.07 36.07 -11.22
C LEU B 109 26.28 37.39 -11.14
N ILE B 110 26.43 38.14 -10.06
CA ILE B 110 25.65 39.39 -9.96
C ILE B 110 26.52 40.61 -9.89
N ASP B 111 27.40 40.63 -8.91
CA ASP B 111 28.31 41.72 -8.69
C ASP B 111 29.59 41.43 -9.50
N VAL B 112 29.65 42.00 -10.71
CA VAL B 112 30.72 41.66 -11.66
C VAL B 112 32.06 42.20 -11.20
N PRO B 113 33.10 41.34 -11.14
CA PRO B 113 34.37 41.77 -10.57
C PRO B 113 34.95 42.87 -11.43
N SER B 114 35.43 43.92 -10.79
CA SER B 114 36.05 44.98 -11.58
C SER B 114 37.34 44.51 -12.29
N ASP B 115 38.01 43.49 -11.76
CA ASP B 115 39.17 42.91 -12.41
C ASP B 115 38.83 41.55 -13.06
N LEU B 116 37.62 41.44 -13.61
CA LEU B 116 37.15 40.17 -14.18
C LEU B 116 38.07 39.62 -15.25
N GLY B 117 38.50 40.50 -16.16
CA GLY B 117 39.22 40.09 -17.36
C GLY B 117 40.63 39.69 -17.02
N GLN B 118 41.13 40.20 -15.92
CA GLN B 118 42.50 39.88 -15.54
C GLN B 118 42.58 38.74 -14.55
N GLU B 119 41.49 38.47 -13.84
CA GLU B 119 41.67 37.63 -12.67
C GLU B 119 40.76 36.38 -12.69
N TRP B 120 39.90 36.31 -13.70
CA TRP B 120 38.92 35.25 -13.83
C TRP B 120 39.00 34.49 -15.17
N ILE B 121 38.43 33.29 -15.22
CA ILE B 121 38.28 32.56 -16.48
C ILE B 121 36.90 31.94 -16.62
N VAL B 122 36.45 31.71 -17.84
CA VAL B 122 35.11 31.18 -18.06
C VAL B 122 35.15 29.78 -18.63
N VAL B 123 34.39 28.88 -18.03
CA VAL B 123 34.21 27.55 -18.59
C VAL B 123 32.81 27.46 -19.19
N VAL B 124 32.73 27.13 -20.47
CA VAL B 124 31.47 26.88 -21.13
C VAL B 124 30.95 25.49 -20.70
N CYS B 125 29.80 25.43 -20.02
CA CYS B 125 29.25 24.16 -19.55
C CYS B 125 28.22 23.49 -20.48
N PRO B 126 28.26 22.14 -20.57
CA PRO B 126 27.26 21.34 -21.31
C PRO B 126 26.00 21.10 -20.51
N VAL B 127 24.88 20.99 -21.22
CA VAL B 127 23.61 20.53 -20.62
C VAL B 127 23.88 19.12 -20.14
N GLY B 128 23.52 18.81 -18.91
CA GLY B 128 23.87 17.53 -18.32
C GLY B 128 23.59 17.58 -16.82
N LYS B 129 24.13 16.60 -16.12
CA LYS B 129 23.91 16.51 -14.70
C LYS B 129 25.23 16.53 -13.91
N ARG B 130 25.34 17.39 -12.88
CA ARG B 130 26.59 17.48 -12.11
C ARG B 130 26.93 16.18 -11.46
N ALA B 131 28.20 15.85 -11.32
CA ALA B 131 28.56 14.58 -10.74
C ALA B 131 29.88 14.62 -10.00
N LEU B 132 29.89 14.16 -8.76
CA LEU B 132 31.13 13.82 -8.10
C LEU B 132 31.57 12.45 -8.66
N ILE B 133 32.80 12.35 -9.15
CA ILE B 133 33.34 11.10 -9.73
C ILE B 133 34.49 10.56 -8.90
N VAL B 134 34.36 9.34 -8.40
CA VAL B 134 35.44 8.75 -7.60
C VAL B 134 35.94 7.44 -8.21
N ALA B 135 37.13 7.53 -8.79
CA ALA B 135 37.87 6.39 -9.34
C ALA B 135 38.74 5.81 -8.24
N SER B 136 38.38 4.60 -7.83
CA SER B 136 38.88 4.02 -6.61
C SER B 136 38.91 2.52 -6.88
N ARG B 137 40.09 1.92 -6.70
CA ARG B 137 40.28 0.46 -6.79
C ARG B 137 39.39 -0.25 -7.82
N GLY B 138 39.79 -0.18 -9.08
CA GLY B 138 39.16 -0.97 -10.10
C GLY B 138 37.76 -0.55 -10.51
N SER B 139 37.34 0.64 -10.10
CA SER B 139 35.99 1.09 -10.44
C SER B 139 35.78 2.59 -10.29
N THR B 140 34.77 3.08 -11.01
CA THR B 140 34.44 4.49 -11.16
C THR B 140 32.96 4.75 -10.92
N SER B 141 32.66 5.34 -9.78
CA SER B 141 31.29 5.59 -9.36
C SER B 141 30.92 7.08 -9.38
N ALA B 142 29.77 7.42 -9.96
CA ALA B 142 29.28 8.81 -10.06
C ALA B 142 28.28 9.13 -8.95
N TYR B 143 28.28 10.37 -8.43
CA TYR B 143 27.32 10.82 -7.39
C TYR B 143 26.68 12.13 -7.75
N THR B 144 25.44 12.32 -7.34
CA THR B 144 24.79 13.60 -7.53
C THR B 144 25.21 14.47 -6.37
N LYS B 145 24.94 15.76 -6.45
CA LYS B 145 25.19 16.66 -5.32
C LYS B 145 24.57 16.12 -4.05
N SER B 146 23.54 15.29 -4.20
CA SER B 146 22.84 14.75 -3.06
C SER B 146 23.54 13.54 -2.48
N GLY B 147 24.48 12.96 -3.21
CA GLY B 147 25.26 11.86 -2.67
C GLY B 147 24.64 10.56 -3.11
N TYR B 148 23.51 10.68 -3.81
CA TYR B 148 22.87 9.51 -4.38
C TYR B 148 23.76 9.04 -5.52
N CYS B 149 24.33 7.85 -5.34
CA CYS B 149 25.05 7.18 -6.39
C CYS B 149 24.17 6.86 -7.60
N VAL B 150 24.66 7.22 -8.76
CA VAL B 150 23.91 7.18 -9.99
C VAL B 150 24.43 6.04 -10.87
N ASN B 151 25.71 5.70 -10.68
CA ASN B 151 26.37 4.57 -11.37
C ASN B 151 27.64 4.09 -10.64
N ARG B 152 28.03 2.84 -10.88
CA ARG B 152 29.31 2.26 -10.42
C ARG B 152 29.86 1.49 -11.60
N PHE B 153 30.96 1.97 -12.18
CA PHE B 153 31.42 1.39 -13.44
C PHE B 153 32.94 1.38 -13.57
N SER B 154 33.40 1.21 -14.81
CA SER B 154 34.81 1.04 -15.13
C SER B 154 35.38 2.27 -15.85
N SER B 155 36.60 2.66 -15.52
CA SER B 155 37.20 3.78 -16.21
C SER B 155 38.73 3.80 -16.25
N LEU B 156 39.23 4.24 -17.39
CA LEU B 156 40.63 4.64 -17.55
C LEU B 156 40.88 5.95 -16.81
N LEU B 157 40.78 5.91 -15.48
CA LEU B 157 41.22 6.98 -14.62
C LEU B 157 42.06 6.30 -13.59
N PRO B 158 43.21 6.87 -13.25
CA PRO B 158 44.19 6.20 -12.40
C PRO B 158 43.71 5.18 -11.35
N GLY B 159 42.51 5.33 -10.80
CA GLY B 159 42.01 4.29 -9.88
C GLY B 159 40.81 3.46 -10.30
N GLY B 160 40.33 3.63 -11.53
CA GLY B 160 39.00 3.12 -11.92
C GLY B 160 38.94 1.85 -12.75
N ASN B 161 39.99 1.03 -12.66
CA ASN B 161 40.16 -0.22 -13.43
C ASN B 161 40.79 -1.29 -12.55
N ARG B 162 40.39 -2.55 -12.77
CA ARG B 162 40.98 -3.69 -12.05
C ARG B 162 42.48 -3.78 -12.32
N ARG B 163 42.87 -3.52 -13.57
CA ARG B 163 44.29 -3.40 -13.92
C ARG B 163 44.91 -2.08 -13.40
N ASN B 164 44.13 -1.01 -13.40
CA ASN B 164 44.55 0.28 -12.82
C ASN B 164 43.92 0.49 -11.42
N SER B 165 44.15 -0.48 -10.54
CA SER B 165 43.67 -0.47 -9.16
C SER B 165 44.90 -0.69 -8.30
N THR B 166 45.29 0.32 -7.53
CA THR B 166 46.56 0.24 -6.80
C THR B 166 46.52 0.91 -5.40
N ALA B 167 47.69 0.86 -4.75
CA ALA B 167 47.94 1.47 -3.45
C ALA B 167 47.80 3.00 -3.52
N LYS B 168 46.60 3.50 -3.23
CA LYS B 168 46.38 4.93 -3.14
C LYS B 168 46.61 5.68 -4.47
N ASP B 169 46.19 5.08 -5.58
CA ASP B 169 46.19 5.76 -6.90
C ASP B 169 44.79 6.31 -7.30
N TYR B 170 43.99 6.61 -6.29
CA TYR B 170 42.65 7.11 -6.49
C TYR B 170 42.63 8.52 -7.05
N THR B 171 41.64 8.81 -7.88
CA THR B 171 41.46 10.14 -8.43
C THR B 171 40.04 10.61 -8.13
N ILE B 172 39.83 11.92 -8.06
CA ILE B 172 38.50 12.46 -7.76
C ILE B 172 38.19 13.60 -8.70
N LEU B 173 37.17 13.45 -9.52
CA LEU B 173 36.83 14.50 -10.47
C LEU B 173 35.52 15.22 -10.14
N ASP B 174 35.24 16.28 -10.88
CA ASP B 174 34.05 17.04 -10.74
C ASP B 174 33.59 17.22 -12.17
N CYS B 175 32.50 16.54 -12.53
CA CYS B 175 32.05 16.43 -13.92
C CYS B 175 30.61 16.81 -14.13
N ILE B 176 30.29 17.24 -15.35
CA ILE B 176 28.91 17.43 -15.79
C ILE B 176 28.68 16.32 -16.77
N TYR B 177 27.81 15.37 -16.42
CA TYR B 177 27.59 14.20 -17.29
C TYR B 177 26.53 14.46 -18.35
N ASN B 178 26.88 14.20 -19.59
CA ASN B 178 26.03 14.49 -20.74
C ASN B 178 25.59 13.11 -21.29
N GLU B 179 24.33 12.74 -21.05
CA GLU B 179 23.85 11.39 -21.38
C GLU B 179 23.84 11.10 -22.88
N VAL B 180 23.56 12.14 -23.67
CA VAL B 180 23.36 12.02 -25.13
C VAL B 180 24.69 11.77 -25.86
N ASN B 181 25.78 12.34 -25.36
CA ASN B 181 27.14 11.97 -25.83
C ASN B 181 27.76 10.90 -24.94
N GLN B 182 26.96 10.35 -24.01
CA GLN B 182 27.48 9.43 -22.98
C GLN B 182 28.92 9.80 -22.55
N THR B 183 29.15 11.08 -22.24
CA THR B 183 30.46 11.53 -21.69
C THR B 183 30.42 12.39 -20.43
N TYR B 184 31.14 11.94 -19.42
CA TYR B 184 31.55 12.78 -18.31
C TYR B 184 32.47 13.93 -18.76
N TYR B 185 31.91 15.11 -19.00
CA TYR B 185 32.74 16.29 -19.21
C TYR B 185 33.41 16.75 -17.93
N VAL B 186 34.74 16.79 -17.93
CA VAL B 186 35.48 17.14 -16.74
C VAL B 186 35.54 18.66 -16.51
N LEU B 187 35.11 19.06 -15.30
CA LEU B 187 35.00 20.46 -14.93
C LEU B 187 36.12 20.84 -13.97
N ASP B 188 36.43 19.97 -13.03
CA ASP B 188 37.59 20.20 -12.17
C ASP B 188 38.24 18.89 -11.78
N VAL B 189 39.42 18.99 -11.16
CA VAL B 189 40.06 17.83 -10.53
C VAL B 189 40.40 18.16 -9.09
N MET B 190 39.95 17.32 -8.17
CA MET B 190 40.24 17.52 -6.76
C MET B 190 41.35 16.54 -6.34
N CYS B 191 41.56 15.50 -7.13
CA CYS B 191 42.56 14.50 -6.77
C CYS B 191 42.95 13.68 -7.97
N TRP B 192 44.24 13.41 -8.11
CA TRP B 192 44.70 12.66 -9.25
C TRP B 192 45.80 11.71 -8.84
N ARG B 193 45.58 10.42 -9.11
CA ARG B 193 46.54 9.37 -8.77
C ARG B 193 47.04 9.59 -7.34
N GLY B 194 46.10 9.74 -6.41
CA GLY B 194 46.42 9.89 -5.00
C GLY B 194 46.98 11.24 -4.59
N HIS B 195 47.14 12.16 -5.55
CA HIS B 195 47.53 13.53 -5.23
C HIS B 195 46.29 14.46 -5.17
N PRO B 196 46.03 15.06 -3.99
CA PRO B 196 44.93 16.01 -3.78
C PRO B 196 45.27 17.46 -4.20
N PHE B 197 44.28 18.15 -4.77
CA PHE B 197 44.45 19.50 -5.26
C PHE B 197 43.52 20.53 -4.65
N TYR B 198 42.77 20.15 -3.60
CA TYR B 198 41.84 21.08 -2.95
C TYR B 198 42.45 22.43 -2.66
N ASP B 199 43.72 22.40 -2.30
CA ASP B 199 44.38 23.59 -1.82
C ASP B 199 45.22 24.27 -2.91
N CYS B 200 44.98 23.93 -4.17
CA CYS B 200 45.54 24.68 -5.27
C CYS B 200 44.60 25.63 -5.93
N GLN B 201 45.15 26.69 -6.52
CA GLN B 201 44.33 27.62 -7.29
C GLN B 201 43.69 26.98 -8.53
N THR B 202 42.64 27.64 -9.01
CA THR B 202 41.90 27.16 -10.16
C THR B 202 42.78 27.10 -11.42
N ASP B 203 43.51 28.17 -11.73
CA ASP B 203 44.43 28.15 -12.89
C ASP B 203 45.30 26.90 -12.91
N PHE B 204 45.84 26.56 -11.76
CA PHE B 204 46.62 25.35 -11.58
C PHE B 204 45.83 24.05 -11.83
N ARG B 205 44.78 23.85 -11.04
CA ARG B 205 43.94 22.67 -11.16
C ARG B 205 43.53 22.45 -12.63
N PHE B 206 43.13 23.52 -13.32
CA PHE B 206 42.60 23.39 -14.66
C PHE B 206 43.74 23.03 -15.60
N TYR B 207 44.91 23.58 -15.31
CA TYR B 207 46.11 23.23 -16.01
C TYR B 207 46.45 21.76 -15.78
N TRP B 208 46.32 21.28 -14.56
CA TRP B 208 46.64 19.88 -14.31
C TRP B 208 45.71 18.92 -15.01
N MET B 209 44.40 19.16 -14.94
CA MET B 209 43.49 18.34 -15.73
C MET B 209 43.77 18.37 -17.24
N HIS B 210 44.02 19.53 -17.84
CA HIS B 210 44.30 19.54 -19.29
C HIS B 210 45.62 18.87 -19.68
N SER B 211 46.39 18.50 -18.67
CA SER B 211 47.66 17.85 -18.88
C SER B 211 47.63 16.35 -18.49
N LYS B 212 46.82 15.99 -17.51
CA LYS B 212 46.74 14.60 -17.12
C LYS B 212 45.78 13.79 -17.97
N LEU B 213 44.73 14.43 -18.48
CA LEU B 213 43.70 13.72 -19.23
C LEU B 213 44.26 13.09 -20.50
N PRO B 214 44.93 13.89 -21.36
CA PRO B 214 45.34 13.29 -22.63
C PRO B 214 46.45 12.25 -22.44
N GLU B 215 47.03 12.22 -21.25
CA GLU B 215 48.01 11.20 -20.84
C GLU B 215 47.44 9.79 -20.58
N GLU B 216 46.34 9.44 -21.24
CA GLU B 216 45.62 8.21 -20.90
C GLU B 216 44.96 7.57 -22.11
N GLU B 217 45.39 6.34 -22.40
CA GLU B 217 44.79 5.45 -23.39
C GLU B 217 43.32 5.75 -23.71
N GLY B 218 43.06 6.55 -24.75
CA GLY B 218 41.70 6.75 -25.26
C GLY B 218 40.52 6.89 -24.27
N LEU B 219 40.72 7.70 -23.22
CA LEU B 219 39.64 8.14 -22.36
C LEU B 219 38.54 8.72 -23.22
N GLY B 220 38.85 9.81 -23.90
CA GLY B 220 37.88 10.44 -24.80
C GLY B 220 37.25 9.52 -25.82
N GLU B 221 37.53 8.21 -25.74
CA GLU B 221 36.90 7.16 -26.60
C GLU B 221 36.09 6.08 -25.84
N LYS B 222 35.29 5.31 -26.57
CA LYS B 222 34.48 4.20 -26.00
C LYS B 222 35.12 2.79 -26.12
N THR B 223 35.45 2.18 -24.98
CA THR B 223 35.95 0.80 -24.93
C THR B 223 35.18 0.04 -23.87
N LYS B 224 35.17 -1.28 -23.95
CA LYS B 224 34.50 -2.08 -22.92
C LYS B 224 35.07 -1.74 -21.54
N LEU B 225 36.37 -1.44 -21.50
CA LEU B 225 37.08 -1.11 -20.27
C LEU B 225 36.75 0.32 -19.79
N ASN B 226 36.39 1.17 -20.74
CA ASN B 226 36.01 2.56 -20.46
C ASN B 226 34.70 2.91 -21.17
N PRO B 227 33.55 2.54 -20.56
CA PRO B 227 32.20 2.80 -21.12
C PRO B 227 31.96 4.27 -21.39
N PHE B 228 32.43 5.12 -20.48
CA PHE B 228 32.15 6.51 -20.59
C PHE B 228 33.40 7.27 -20.91
N LYS B 229 33.28 8.10 -21.97
CA LYS B 229 34.32 9.05 -22.37
C LYS B 229 34.44 10.16 -21.29
N PHE B 230 35.68 10.53 -20.95
CA PHE B 230 35.98 11.65 -20.06
C PHE B 230 36.75 12.70 -20.84
N VAL B 231 36.04 13.70 -21.35
CA VAL B 231 36.64 14.85 -22.02
C VAL B 231 36.68 15.95 -20.97
N GLY B 232 37.76 16.74 -20.96
CA GLY B 232 37.88 17.91 -20.07
C GLY B 232 37.29 19.12 -20.76
N LEU B 233 36.82 20.10 -19.97
CA LEU B 233 36.23 21.33 -20.56
C LEU B 233 37.23 22.47 -20.72
N LYS B 234 37.27 23.07 -21.90
CA LYS B 234 38.07 24.25 -22.10
C LYS B 234 37.64 25.39 -21.18
N ASN B 235 38.58 26.23 -20.75
CA ASN B 235 38.25 27.49 -20.11
C ASN B 235 38.87 28.60 -20.91
N PHE B 236 38.38 29.83 -20.78
CA PHE B 236 38.84 30.92 -21.64
C PHE B 236 38.97 32.21 -20.85
N PRO B 237 39.85 33.13 -21.27
CA PRO B 237 39.88 34.43 -20.56
C PRO B 237 38.57 35.19 -20.68
N CYS B 238 38.41 36.23 -19.87
CA CYS B 238 37.16 37.00 -19.72
C CYS B 238 37.29 38.48 -20.05
N THR B 239 38.24 38.82 -20.92
CA THR B 239 38.33 40.18 -21.47
C THR B 239 37.18 40.27 -22.44
N PRO B 240 36.68 41.51 -22.72
CA PRO B 240 35.50 41.64 -23.61
C PRO B 240 35.62 40.89 -24.95
N GLU B 241 36.76 41.07 -25.62
CA GLU B 241 37.03 40.46 -26.92
C GLU B 241 37.07 38.96 -26.77
N SER B 242 37.61 38.48 -25.65
CA SER B 242 37.70 37.05 -25.43
C SER B 242 36.31 36.47 -25.26
N LEU B 243 35.45 37.12 -24.49
CA LEU B 243 34.10 36.60 -24.27
C LEU B 243 33.33 36.57 -25.59
N CYS B 244 33.45 37.65 -26.35
CA CYS B 244 32.89 37.71 -27.70
C CYS B 244 33.25 36.49 -28.53
N ASP B 245 34.53 36.13 -28.56
CA ASP B 245 34.99 34.95 -29.27
C ASP B 245 34.28 33.73 -28.74
N VAL B 246 34.40 33.51 -27.43
CA VAL B 246 33.77 32.36 -26.75
C VAL B 246 32.32 32.13 -27.19
N LEU B 247 31.53 33.19 -27.21
CA LEU B 247 30.11 33.09 -27.54
C LEU B 247 29.90 32.67 -28.99
N SER B 248 30.89 32.92 -29.84
CA SER B 248 30.77 32.55 -31.24
C SER B 248 31.38 31.20 -31.55
N MET B 249 31.95 30.52 -30.57
CA MET B 249 32.56 29.23 -30.84
C MET B 249 31.47 28.16 -30.96
N ASP B 250 31.84 26.99 -31.44
CA ASP B 250 30.92 25.88 -31.59
C ASP B 250 31.37 24.75 -30.66
N PHE B 251 30.46 24.20 -29.87
CA PHE B 251 30.85 23.17 -28.91
C PHE B 251 30.21 21.82 -29.28
N PRO B 252 30.91 20.69 -28.98
CA PRO B 252 30.35 19.36 -29.26
C PRO B 252 29.19 18.98 -28.30
N PHE B 253 28.51 20.00 -27.79
CA PHE B 253 27.38 19.77 -26.93
C PHE B 253 26.42 20.95 -26.96
N GLU B 254 25.28 20.79 -26.32
CA GLU B 254 24.32 21.85 -26.25
C GLU B 254 24.64 22.72 -25.02
N VAL B 255 24.79 24.01 -25.28
CA VAL B 255 25.35 24.93 -24.28
C VAL B 255 24.35 25.19 -23.16
N ASP B 256 24.70 24.76 -21.96
CA ASP B 256 23.85 25.01 -20.82
C ASP B 256 24.17 26.39 -20.22
N GLY B 257 25.41 26.63 -19.81
CA GLY B 257 25.78 27.96 -19.31
C GLY B 257 27.26 28.27 -19.20
N LEU B 258 27.57 29.43 -18.61
CA LEU B 258 28.95 29.89 -18.45
C LEU B 258 29.36 29.94 -16.98
N LEU B 259 30.33 29.12 -16.57
CA LEU B 259 30.88 29.27 -15.21
C LEU B 259 32.09 30.19 -15.19
N PHE B 260 32.05 31.17 -14.30
CA PHE B 260 33.17 32.08 -14.13
C PHE B 260 33.95 31.80 -12.87
N TYR B 261 35.16 31.26 -12.99
CA TYR B 261 35.99 30.97 -11.83
C TYR B 261 37.01 32.07 -11.59
N HIS B 262 37.25 32.44 -10.34
CA HIS B 262 38.35 33.32 -10.00
C HIS B 262 39.64 32.48 -10.06
N LYS B 263 40.67 32.94 -10.77
CA LYS B 263 41.86 32.12 -11.00
C LYS B 263 42.42 31.53 -9.70
N GLN B 264 42.33 32.28 -8.62
CA GLN B 264 43.02 31.89 -7.38
C GLN B 264 42.22 31.02 -6.42
N THR B 265 40.91 30.88 -6.60
CA THR B 265 40.10 30.18 -5.62
C THR B 265 40.57 28.74 -5.49
N HIS B 266 40.75 28.28 -4.25
CA HIS B 266 40.98 26.84 -4.01
C HIS B 266 39.69 26.11 -4.26
N TYR B 267 39.75 24.79 -4.27
CA TYR B 267 38.55 23.95 -4.36
C TYR B 267 37.99 23.77 -2.99
N SER B 268 36.77 24.25 -2.78
CA SER B 268 36.07 24.01 -1.51
C SER B 268 34.58 23.81 -1.72
N PRO B 269 34.07 22.67 -1.23
CA PRO B 269 32.75 22.19 -1.49
C PRO B 269 31.79 23.14 -0.86
N GLY B 270 30.68 23.44 -1.52
CA GLY B 270 29.72 24.39 -1.02
C GLY B 270 29.41 25.48 -2.04
N SER B 271 28.50 26.36 -1.67
CA SER B 271 28.16 27.52 -2.48
C SER B 271 29.34 28.44 -2.28
N THR B 272 29.87 29.08 -3.33
CA THR B 272 30.85 30.15 -3.16
C THR B 272 30.66 31.28 -4.15
N PRO B 273 30.90 32.53 -3.73
CA PRO B 273 30.84 33.63 -4.70
C PRO B 273 32.10 33.73 -5.58
N LEU B 274 33.13 32.97 -5.24
CA LEU B 274 34.33 32.85 -6.07
C LEU B 274 34.09 32.10 -7.38
N VAL B 275 32.90 31.54 -7.57
CA VAL B 275 32.53 31.08 -8.91
C VAL B 275 31.15 31.68 -9.25
N GLY B 276 30.94 32.02 -10.52
CA GLY B 276 29.75 32.75 -10.88
C GLY B 276 29.10 32.04 -12.04
N TRP B 277 27.77 31.98 -12.04
CA TRP B 277 27.07 31.30 -13.12
C TRP B 277 26.15 32.26 -13.88
N LEU B 278 26.00 32.06 -15.19
CA LEU B 278 25.05 32.81 -16.00
C LEU B 278 24.66 31.88 -17.12
N ARG B 279 23.40 31.98 -17.59
CA ARG B 279 23.00 31.25 -18.79
C ARG B 279 23.39 32.18 -19.90
N PRO B 280 23.60 31.64 -21.10
CA PRO B 280 24.23 32.43 -22.17
C PRO B 280 23.43 33.68 -22.52
N TYR B 281 22.09 33.59 -22.52
CA TYR B 281 21.26 34.74 -22.84
C TYR B 281 21.42 35.89 -21.83
N MET B 282 22.07 35.64 -20.70
CA MET B 282 22.26 36.69 -19.70
C MET B 282 23.56 37.51 -19.89
N VAL B 283 24.53 37.00 -20.65
CA VAL B 283 25.87 37.60 -20.61
C VAL B 283 25.85 39.05 -21.07
N SER B 284 25.12 39.27 -22.16
CA SER B 284 24.93 40.59 -22.74
C SER B 284 24.49 41.59 -21.65
N ASP B 285 23.35 41.33 -21.02
CA ASP B 285 22.85 42.19 -19.95
C ASP B 285 23.77 42.38 -18.75
N VAL B 286 24.18 41.28 -18.12
CA VAL B 286 24.87 41.39 -16.83
C VAL B 286 26.33 41.83 -16.93
N LEU B 287 26.99 41.49 -18.03
CA LEU B 287 28.39 41.87 -18.25
C LEU B 287 28.54 43.12 -19.11
N GLY B 288 27.42 43.67 -19.56
CA GLY B 288 27.42 44.83 -20.46
C GLY B 288 28.37 44.69 -21.63
N VAL B 289 28.44 43.49 -22.22
CA VAL B 289 29.25 43.27 -23.43
C VAL B 289 28.40 42.97 -24.64
N ALA B 290 29.00 43.23 -25.81
CA ALA B 290 28.50 42.80 -27.12
C ALA B 290 28.18 41.30 -27.16
N VAL B 291 27.61 40.88 -28.29
CA VAL B 291 27.20 39.49 -28.56
C VAL B 291 27.00 39.40 -30.08
N PRO B 292 27.38 38.25 -30.69
CA PRO B 292 27.00 38.05 -32.10
C PRO B 292 25.56 37.52 -32.23
N ALA B 293 25.21 36.94 -33.38
CA ALA B 293 23.92 36.24 -33.56
C ALA B 293 23.83 34.98 -32.67
N GLY B 294 22.62 34.57 -32.31
CA GLY B 294 22.43 33.43 -31.41
C GLY B 294 20.98 32.97 -31.33
N PRO B 295 20.40 32.55 -32.34
#